data_1AD9
#
_entry.id   1AD9
#
_cell.length_a   81.390
_cell.length_b   104.630
_cell.length_c   119.380
_cell.angle_alpha   90.00
_cell.angle_beta   90.00
_cell.angle_gamma   90.00
#
_symmetry.space_group_name_H-M   'P 21 21 21'
#
loop_
_entity.id
_entity.type
_entity.pdbx_description
1 polymer 'IGG CTM01 FAB (LIGHT CHAIN)'
2 polymer 'IGG CTM01 FAB (HEAVY CHAIN)'
3 non-polymer 'SULFATE ION'
4 water water
#
loop_
_entity_poly.entity_id
_entity_poly.type
_entity_poly.pdbx_seq_one_letter_code
_entity_poly.pdbx_strand_id
1 'polypeptide(L)'
;DIQMTQSPSTLSASVGDRVTITCRSSKSLLHSNGDTFLYWFQQKPGKAPKLLMYRMSNLASGVPSRFSGSGSGTEFTLTI
SSLQPDDFATYYCMQHLEYPFTFGQGTKVEVKRTVAAPSVFIFPPSDEQLKSGTASVVCLLNNFYPREAKVQWKVDNALQ
SGNSQESVTEQDSKDSTYSLSSTLTLSKADYEKHKVYACEVTHQGLSSPVTKSFNRGEC
;
L,A
2 'polypeptide(L)'
;EIQLVQSGAEVKKPGSSVKVSCKASGYTFTDYYINWMRQAPGQGLEWIGWIDPGSGNTKYNEKFKGRATLTVDTSTNTAY
MELSSLRSEDTAFYFCAREKTTYYYAMDYWGQGTLVTVSSASTKGPSVFPLAPCSRSTSESTAALGCLVKDYFPEPVTVS
WNSGALTSGVHTFPAVLQSSGLYSLSSVVTVPSSSLGTKTYTCNVDHKPSNTKVDKRVE
;
H,B
#
loop_
_chem_comp.id
_chem_comp.type
_chem_comp.name
_chem_comp.formula
SO4 non-polymer 'SULFATE ION' 'O4 S -2'
#
# COMPACT_ATOMS: atom_id res chain seq x y z
N ASP A 1 18.32 3.89 -15.09
CA ASP A 1 17.02 3.99 -15.82
C ASP A 1 16.78 2.67 -16.56
N ILE A 2 15.70 1.98 -16.22
CA ILE A 2 15.38 0.69 -16.86
C ILE A 2 14.39 0.84 -17.99
N GLN A 3 14.70 0.23 -19.13
CA GLN A 3 13.84 0.28 -20.31
C GLN A 3 12.91 -0.91 -20.33
N MET A 4 11.63 -0.64 -20.51
CA MET A 4 10.60 -1.67 -20.57
C MET A 4 10.00 -1.68 -21.97
N THR A 5 10.08 -2.81 -22.66
CA THR A 5 9.52 -2.91 -24.01
C THR A 5 8.47 -4.00 -24.10
N GLN A 6 7.35 -3.72 -24.78
CA GLN A 6 6.28 -4.69 -24.92
C GLN A 6 6.08 -5.14 -26.35
N SER A 7 5.78 -6.42 -26.53
CA SER A 7 5.55 -7.00 -27.86
C SER A 7 4.46 -8.06 -27.85
N PRO A 8 3.57 -8.02 -28.86
CA PRO A 8 3.59 -7.05 -29.94
C PRO A 8 2.85 -5.77 -29.54
N SER A 9 2.90 -4.76 -30.41
CA SER A 9 2.23 -3.50 -30.14
C SER A 9 0.71 -3.71 -30.19
N THR A 10 0.24 -4.43 -31.20
CA THR A 10 -1.19 -4.71 -31.34
C THR A 10 -1.37 -6.22 -31.48
N LEU A 11 -2.43 -6.74 -30.86
CA LEU A 11 -2.70 -8.18 -30.90
C LEU A 11 -4.15 -8.51 -31.22
N SER A 12 -4.37 -9.17 -32.36
CA SER A 12 -5.70 -9.55 -32.79
C SER A 12 -6.08 -10.91 -32.22
N ALA A 13 -7.15 -10.95 -31.43
CA ALA A 13 -7.61 -12.21 -30.83
C ALA A 13 -9.12 -12.28 -30.74
N SER A 14 -9.65 -13.50 -30.70
CA SER A 14 -11.09 -13.73 -30.62
C SER A 14 -11.57 -14.24 -29.27
N VAL A 15 -12.82 -13.91 -28.92
CA VAL A 15 -13.42 -14.32 -27.66
C VAL A 15 -13.26 -15.81 -27.43
N GLY A 16 -12.71 -16.17 -26.27
CA GLY A 16 -12.49 -17.56 -25.93
C GLY A 16 -11.05 -18.01 -26.10
N ASP A 17 -10.22 -17.21 -26.75
CA ASP A 17 -8.81 -17.56 -26.96
C ASP A 17 -7.96 -17.41 -25.69
N ARG A 18 -6.76 -17.96 -25.73
CA ARG A 18 -5.83 -17.82 -24.61
C ARG A 18 -4.76 -16.84 -25.09
N VAL A 19 -4.89 -15.60 -24.63
CA VAL A 19 -3.98 -14.52 -25.00
C VAL A 19 -2.83 -14.31 -24.01
N THR A 20 -1.62 -14.11 -24.54
CA THR A 20 -0.46 -13.87 -23.70
C THR A 20 0.25 -12.63 -24.17
N ILE A 21 0.51 -11.72 -23.24
CA ILE A 21 1.20 -10.47 -23.52
C ILE A 21 2.59 -10.55 -22.92
N THR A 22 3.60 -10.10 -23.66
CA THR A 22 4.96 -10.14 -23.14
C THR A 22 5.54 -8.76 -22.86
N CYS A 23 6.34 -8.70 -21.81
CA CYS A 23 7.00 -7.47 -21.38
C CYS A 23 8.48 -7.83 -21.18
N ARG A 24 9.37 -6.90 -21.48
CA ARG A 24 10.79 -7.17 -21.35
C ARG A 24 11.54 -6.00 -20.69
N SER A 25 12.31 -6.30 -19.64
CA SER A 25 13.08 -5.27 -18.95
C SER A 25 14.56 -5.36 -19.32
N SER A 26 15.21 -4.19 -19.39
CA SER A 26 16.63 -4.09 -19.74
C SER A 26 17.53 -4.76 -18.70
N LYS A 27 17.01 -5.00 -17.50
CA LYS A 27 17.75 -5.65 -16.43
C LYS A 27 16.80 -6.36 -15.47
N SER A 28 17.34 -7.36 -14.76
CA SER A 28 16.57 -8.16 -13.83
C SER A 28 15.79 -7.34 -12.82
N LEU A 29 14.50 -7.67 -12.69
CA LEU A 29 13.60 -6.99 -11.77
C LEU A 29 13.42 -7.79 -10.49
N LEU A 30 14.32 -8.73 -10.26
CA LEU A 30 14.25 -9.55 -9.05
C LEU A 30 14.89 -8.76 -7.91
N HIS A 31 14.17 -8.64 -6.80
CA HIS A 31 14.67 -7.92 -5.64
C HIS A 31 15.31 -8.88 -4.63
N SER A 32 16.01 -8.31 -3.64
CA SER A 32 16.66 -9.11 -2.61
C SER A 32 15.67 -9.92 -1.80
N ASN A 33 14.47 -9.39 -1.58
CA ASN A 33 13.46 -10.12 -0.82
C ASN A 33 12.86 -11.29 -1.59
N GLY A 34 13.36 -11.55 -2.80
CA GLY A 34 12.88 -12.65 -3.62
C GLY A 34 11.75 -12.29 -4.57
N ASP A 35 11.11 -11.15 -4.34
CA ASP A 35 10.01 -10.67 -5.17
C ASP A 35 10.45 -9.92 -6.43
N THR A 36 9.63 -10.00 -7.47
CA THR A 36 9.91 -9.32 -8.74
C THR A 36 9.06 -8.06 -8.77
N PHE A 37 9.71 -6.91 -8.80
CA PHE A 37 9.01 -5.63 -8.79
C PHE A 37 8.46 -5.23 -10.15
N LEU A 38 7.30 -5.83 -10.48
CA LEU A 38 6.60 -5.57 -11.74
C LEU A 38 5.08 -5.43 -11.58
N TYR A 39 4.49 -4.50 -12.30
CA TYR A 39 3.04 -4.30 -12.28
C TYR A 39 2.46 -4.57 -13.67
N TRP A 40 1.22 -5.04 -13.70
CA TRP A 40 0.53 -5.27 -14.96
C TRP A 40 -0.74 -4.44 -14.86
N PHE A 41 -0.99 -3.59 -15.84
CA PHE A 41 -2.17 -2.74 -15.82
C PHE A 41 -3.04 -2.94 -17.03
N GLN A 42 -4.34 -2.75 -16.84
CA GLN A 42 -5.29 -2.81 -17.94
C GLN A 42 -5.87 -1.42 -18.07
N GLN A 43 -6.05 -0.94 -19.29
CA GLN A 43 -6.65 0.36 -19.48
C GLN A 43 -7.58 0.39 -20.68
N LYS A 44 -8.82 0.82 -20.43
CA LYS A 44 -9.81 0.96 -21.50
C LYS A 44 -9.80 2.45 -21.93
N PRO A 45 -10.13 2.74 -23.20
CA PRO A 45 -10.12 4.13 -23.68
C PRO A 45 -10.95 5.09 -22.83
N GLY A 46 -10.33 6.23 -22.51
CA GLY A 46 -10.97 7.26 -21.72
C GLY A 46 -11.10 6.92 -20.26
N LYS A 47 -10.44 5.85 -19.83
CA LYS A 47 -10.50 5.41 -18.45
C LYS A 47 -9.12 5.38 -17.82
N ALA A 48 -9.09 5.34 -16.48
CA ALA A 48 -7.84 5.28 -15.72
C ALA A 48 -7.39 3.82 -15.65
N PRO A 49 -6.07 3.60 -15.56
CA PRO A 49 -5.50 2.24 -15.49
C PRO A 49 -5.99 1.46 -14.27
N LYS A 50 -6.15 0.16 -14.46
CA LYS A 50 -6.59 -0.75 -13.41
C LYS A 50 -5.46 -1.74 -13.17
N LEU A 51 -5.19 -2.04 -11.90
CA LEU A 51 -4.13 -2.96 -11.54
C LEU A 51 -4.59 -4.39 -11.67
N LEU A 52 -3.75 -5.20 -12.33
CA LEU A 52 -4.02 -6.60 -12.57
C LEU A 52 -3.10 -7.49 -11.76
N MET A 53 -1.81 -7.33 -11.99
CA MET A 53 -0.79 -8.13 -11.31
C MET A 53 0.16 -7.25 -10.52
N TYR A 54 0.36 -7.59 -9.25
CA TYR A 54 1.33 -6.89 -8.43
C TYR A 54 2.47 -7.87 -8.20
N ARG A 55 3.69 -7.39 -8.22
CA ARG A 55 4.88 -8.23 -8.11
C ARG A 55 4.85 -9.43 -9.07
N MET A 56 4.72 -9.08 -10.35
CA MET A 56 4.70 -10.02 -11.46
C MET A 56 3.61 -11.08 -11.59
N SER A 57 3.48 -11.93 -10.57
CA SER A 57 2.50 -13.01 -10.59
C SER A 57 1.32 -12.93 -9.66
N ASN A 58 1.33 -11.98 -8.73
CA ASN A 58 0.22 -11.84 -7.79
C ASN A 58 -1.00 -11.13 -8.34
N LEU A 59 -2.07 -11.90 -8.45
CA LEU A 59 -3.34 -11.42 -8.96
C LEU A 59 -3.90 -10.38 -7.98
N ALA A 60 -4.27 -9.20 -8.49
CA ALA A 60 -4.82 -8.12 -7.67
C ALA A 60 -6.24 -8.44 -7.19
N SER A 61 -6.62 -7.90 -6.04
CA SER A 61 -7.94 -8.15 -5.49
C SER A 61 -9.02 -7.62 -6.40
N GLY A 62 -10.01 -8.45 -6.68
CA GLY A 62 -11.12 -8.06 -7.54
C GLY A 62 -10.96 -8.53 -8.97
N VAL A 63 -9.71 -8.61 -9.43
CA VAL A 63 -9.39 -9.07 -10.79
C VAL A 63 -9.80 -10.54 -10.99
N PRO A 64 -10.52 -10.83 -12.09
CA PRO A 64 -10.98 -12.18 -12.43
C PRO A 64 -9.85 -13.21 -12.54
N SER A 65 -10.13 -14.42 -12.05
CA SER A 65 -9.18 -15.52 -12.04
C SER A 65 -8.70 -16.06 -13.38
N ARG A 66 -9.21 -15.50 -14.48
CA ARG A 66 -8.78 -15.94 -15.81
C ARG A 66 -7.43 -15.30 -16.14
N PHE A 67 -7.05 -14.33 -15.32
CA PHE A 67 -5.80 -13.60 -15.46
C PHE A 67 -4.74 -14.29 -14.64
N SER A 68 -3.54 -14.40 -15.20
CA SER A 68 -2.40 -15.03 -14.51
C SER A 68 -1.10 -14.47 -15.06
N GLY A 69 -0.03 -14.57 -14.28
CA GLY A 69 1.23 -14.03 -14.74
C GLY A 69 2.45 -14.82 -14.33
N SER A 70 3.52 -14.68 -15.09
CA SER A 70 4.77 -15.34 -14.82
C SER A 70 5.90 -14.64 -15.55
N GLY A 71 7.10 -15.17 -15.40
CA GLY A 71 8.27 -14.59 -16.04
C GLY A 71 9.50 -14.83 -15.20
N SER A 72 10.67 -14.69 -15.79
CA SER A 72 11.91 -14.90 -15.06
C SER A 72 12.96 -13.87 -15.45
N GLY A 73 13.42 -13.14 -14.43
CA GLY A 73 14.44 -12.12 -14.62
C GLY A 73 14.09 -10.95 -15.51
N THR A 74 14.25 -11.14 -16.83
CA THR A 74 13.98 -10.06 -17.77
C THR A 74 12.77 -10.20 -18.66
N GLU A 75 12.28 -11.42 -18.86
CA GLU A 75 11.09 -11.64 -19.70
C GLU A 75 9.89 -12.03 -18.86
N PHE A 76 8.82 -11.23 -18.97
CA PHE A 76 7.58 -11.45 -18.21
C PHE A 76 6.41 -11.66 -19.15
N THR A 77 5.33 -12.23 -18.65
CA THR A 77 4.17 -12.48 -19.49
C THR A 77 2.83 -12.55 -18.77
N LEU A 78 1.86 -11.80 -19.28
CA LEU A 78 0.50 -11.78 -18.73
C LEU A 78 -0.34 -12.72 -19.58
N THR A 79 -1.19 -13.51 -18.94
CA THR A 79 -2.02 -14.46 -19.66
C THR A 79 -3.50 -14.37 -19.32
N ILE A 80 -4.34 -14.41 -20.36
CA ILE A 80 -5.79 -14.39 -20.19
C ILE A 80 -6.25 -15.71 -20.80
N SER A 81 -6.59 -16.66 -19.94
CA SER A 81 -6.99 -18.01 -20.36
C SER A 81 -8.14 -18.12 -21.36
N SER A 82 -9.31 -17.62 -20.98
CA SER A 82 -10.48 -17.67 -21.87
C SER A 82 -10.96 -16.25 -22.02
N LEU A 83 -10.42 -15.56 -23.02
CA LEU A 83 -10.75 -14.16 -23.30
C LEU A 83 -12.23 -13.88 -23.32
N GLN A 84 -12.64 -12.89 -22.54
CA GLN A 84 -14.05 -12.47 -22.47
C GLN A 84 -14.15 -11.15 -23.24
N PRO A 85 -15.38 -10.73 -23.61
CA PRO A 85 -15.53 -9.48 -24.35
C PRO A 85 -15.04 -8.27 -23.54
N ASP A 86 -15.07 -8.39 -22.22
CA ASP A 86 -14.62 -7.33 -21.36
C ASP A 86 -13.08 -7.21 -21.33
N ASP A 87 -12.39 -8.16 -21.94
CA ASP A 87 -10.94 -8.13 -21.93
C ASP A 87 -10.24 -7.37 -23.05
N PHE A 88 -11.03 -6.82 -23.97
CA PHE A 88 -10.44 -6.05 -25.05
C PHE A 88 -10.09 -4.68 -24.49
N ALA A 89 -8.79 -4.44 -24.37
CA ALA A 89 -8.25 -3.21 -23.83
C ALA A 89 -6.76 -3.11 -24.15
N THR A 90 -6.07 -2.22 -23.44
CA THR A 90 -4.64 -2.04 -23.61
C THR A 90 -3.97 -2.45 -22.31
N TYR A 91 -2.90 -3.24 -22.41
CA TYR A 91 -2.20 -3.71 -21.23
C TYR A 91 -0.79 -3.19 -21.18
N TYR A 92 -0.44 -2.58 -20.04
CA TYR A 92 0.89 -2.00 -19.81
C TYR A 92 1.56 -2.71 -18.63
N CYS A 93 2.87 -2.88 -18.74
CA CYS A 93 3.65 -3.49 -17.67
C CYS A 93 4.55 -2.36 -17.15
N MET A 94 4.79 -2.34 -15.84
CA MET A 94 5.62 -1.31 -15.24
C MET A 94 6.58 -1.90 -14.23
N GLN A 95 7.73 -1.28 -14.11
CA GLN A 95 8.77 -1.68 -13.17
C GLN A 95 8.85 -0.69 -12.02
N HIS A 96 8.84 -1.19 -10.80
CA HIS A 96 8.93 -0.31 -9.64
C HIS A 96 10.18 -0.66 -8.78
N LEU A 97 11.22 -1.16 -9.45
CA LEU A 97 12.48 -1.54 -8.79
C LEU A 97 13.41 -0.35 -8.56
N GLU A 98 13.68 0.40 -9.63
CA GLU A 98 14.55 1.57 -9.58
C GLU A 98 13.79 2.81 -10.03
N TYR A 99 14.37 3.97 -9.77
CA TYR A 99 13.78 5.25 -10.16
C TYR A 99 14.46 5.75 -11.42
N PRO A 100 13.67 6.33 -12.34
CA PRO A 100 12.22 6.49 -12.21
C PRO A 100 11.47 5.26 -12.67
N PHE A 101 10.22 5.11 -12.20
CA PHE A 101 9.39 3.99 -12.61
C PHE A 101 9.17 4.16 -14.11
N THR A 102 9.14 3.06 -14.84
CA THR A 102 8.92 3.13 -16.28
C THR A 102 7.93 2.09 -16.74
N PHE A 103 7.11 2.47 -17.71
CA PHE A 103 6.08 1.58 -18.29
C PHE A 103 6.53 1.06 -19.66
N GLY A 104 5.72 0.16 -20.23
CA GLY A 104 6.02 -0.37 -21.54
C GLY A 104 5.20 0.41 -22.54
N GLN A 105 5.46 0.21 -23.84
CA GLN A 105 4.73 0.90 -24.91
C GLN A 105 3.25 0.61 -24.81
N GLY A 106 2.93 -0.54 -24.22
CA GLY A 106 1.55 -0.95 -24.09
C GLY A 106 1.17 -1.82 -25.26
N THR A 107 0.24 -2.75 -25.05
CA THR A 107 -0.21 -3.63 -26.12
C THR A 107 -1.73 -3.68 -26.15
N LYS A 108 -2.29 -3.35 -27.31
CA LYS A 108 -3.74 -3.31 -27.52
C LYS A 108 -4.27 -4.66 -27.99
N VAL A 109 -5.30 -5.16 -27.31
CA VAL A 109 -5.94 -6.42 -27.65
C VAL A 109 -7.25 -6.13 -28.38
N GLU A 110 -7.22 -6.23 -29.70
CA GLU A 110 -8.40 -5.95 -30.51
C GLU A 110 -9.06 -7.22 -31.02
N VAL A 111 -10.29 -7.13 -31.52
CA VAL A 111 -11.03 -8.30 -32.01
C VAL A 111 -10.58 -8.82 -33.38
N LYS A 112 -10.13 -10.07 -33.42
CA LYS A 112 -9.69 -10.70 -34.66
C LYS A 112 -10.87 -11.15 -35.51
N ARG A 113 -10.81 -10.83 -36.80
CA ARG A 113 -11.84 -11.18 -37.78
C ARG A 113 -11.20 -11.32 -39.16
N THR A 114 -12.03 -11.67 -40.15
CA THR A 114 -11.55 -11.83 -41.51
C THR A 114 -11.17 -10.52 -42.18
N VAL A 115 -10.24 -10.60 -43.14
CA VAL A 115 -9.78 -9.43 -43.88
C VAL A 115 -10.97 -8.81 -44.61
N ALA A 116 -10.92 -7.49 -44.81
CA ALA A 116 -11.96 -6.77 -45.53
C ALA A 116 -11.41 -5.48 -46.14
N ALA A 117 -11.39 -5.43 -47.46
CA ALA A 117 -10.90 -4.26 -48.18
C ALA A 117 -11.81 -3.07 -47.88
N PRO A 118 -11.22 -1.87 -47.77
CA PRO A 118 -11.96 -0.64 -47.48
C PRO A 118 -12.67 -0.01 -48.68
N SER A 119 -13.95 0.33 -48.50
CA SER A 119 -14.72 1.00 -49.55
C SER A 119 -14.22 2.45 -49.51
N VAL A 120 -13.57 2.89 -50.57
CA VAL A 120 -13.04 4.26 -50.60
C VAL A 120 -13.98 5.29 -51.26
N PHE A 121 -13.96 6.50 -50.74
CA PHE A 121 -14.77 7.60 -51.24
C PHE A 121 -13.97 8.88 -51.08
N ILE A 122 -14.05 9.75 -52.09
CA ILE A 122 -13.33 11.02 -52.04
C ILE A 122 -14.28 12.17 -52.27
N PHE A 123 -14.30 13.10 -51.31
CA PHE A 123 -15.17 14.27 -51.37
C PHE A 123 -14.39 15.55 -51.63
N PRO A 124 -14.86 16.35 -52.61
CA PRO A 124 -14.21 17.61 -52.95
C PRO A 124 -14.73 18.70 -52.00
N PRO A 125 -13.96 19.80 -51.83
CA PRO A 125 -14.40 20.88 -50.94
C PRO A 125 -15.68 21.55 -51.42
N SER A 126 -16.56 21.89 -50.48
CA SER A 126 -17.82 22.54 -50.81
C SER A 126 -17.64 23.98 -51.33
N ASP A 127 -18.67 24.50 -51.99
CA ASP A 127 -18.64 25.86 -52.54
C ASP A 127 -18.49 26.87 -51.42
N GLU A 128 -19.24 26.65 -50.35
CA GLU A 128 -19.23 27.51 -49.16
C GLU A 128 -17.84 27.69 -48.55
N GLN A 129 -17.09 26.60 -48.46
CA GLN A 129 -15.76 26.64 -47.89
C GLN A 129 -14.78 27.41 -48.78
N LEU A 130 -14.93 27.24 -50.09
CA LEU A 130 -14.07 27.95 -51.02
C LEU A 130 -14.40 29.44 -50.94
N LYS A 131 -15.64 29.72 -50.56
CA LYS A 131 -16.14 31.07 -50.39
C LYS A 131 -15.62 31.65 -49.06
N SER A 132 -14.75 30.90 -48.38
CA SER A 132 -14.20 31.36 -47.11
C SER A 132 -12.67 31.35 -47.05
N GLY A 133 -12.02 31.13 -48.19
CA GLY A 133 -10.57 31.15 -48.23
C GLY A 133 -9.82 29.83 -48.19
N THR A 134 -10.34 28.86 -47.46
CA THR A 134 -9.68 27.55 -47.35
C THR A 134 -10.43 26.46 -48.10
N ALA A 135 -9.72 25.39 -48.41
CA ALA A 135 -10.30 24.24 -49.12
C ALA A 135 -9.75 22.95 -48.53
N SER A 136 -10.65 22.03 -48.17
CA SER A 136 -10.21 20.77 -47.60
C SER A 136 -10.88 19.59 -48.28
N VAL A 137 -10.04 18.68 -48.78
CA VAL A 137 -10.50 17.49 -49.48
C VAL A 137 -10.50 16.30 -48.52
N VAL A 138 -11.60 15.56 -48.52
CA VAL A 138 -11.76 14.40 -47.64
C VAL A 138 -11.79 13.03 -48.34
N CYS A 139 -11.02 12.09 -47.81
CA CYS A 139 -11.01 10.73 -48.35
C CYS A 139 -11.46 9.79 -47.24
N LEU A 140 -12.48 8.98 -47.56
CA LEU A 140 -13.03 8.03 -46.61
C LEU A 140 -12.63 6.61 -46.91
N LEU A 141 -12.31 5.86 -45.85
CA LEU A 141 -11.95 4.44 -45.95
C LEU A 141 -12.97 3.77 -45.04
N ASN A 142 -14.02 3.22 -45.63
CA ASN A 142 -15.11 2.60 -44.87
C ASN A 142 -14.98 1.11 -44.61
N ASN A 143 -15.32 0.73 -43.38
CA ASN A 143 -15.31 -0.66 -42.89
C ASN A 143 -14.23 -1.58 -43.44
N PHE A 144 -13.08 -1.61 -42.80
CA PHE A 144 -11.99 -2.45 -43.26
C PHE A 144 -11.26 -3.15 -42.12
N TYR A 145 -10.48 -4.17 -42.47
CA TYR A 145 -9.71 -4.93 -41.50
C TYR A 145 -8.53 -5.65 -42.21
N PRO A 146 -7.33 -5.61 -41.61
CA PRO A 146 -6.98 -4.99 -40.33
C PRO A 146 -6.78 -3.46 -40.38
N ARG A 147 -6.55 -2.87 -39.21
CA ARG A 147 -6.36 -1.42 -39.04
C ARG A 147 -5.30 -0.82 -39.96
N GLU A 148 -4.21 -1.54 -40.19
CA GLU A 148 -3.11 -1.05 -41.02
C GLU A 148 -3.55 -0.60 -42.41
N ALA A 149 -3.28 0.67 -42.72
CA ALA A 149 -3.64 1.25 -44.02
C ALA A 149 -2.83 2.53 -44.32
N LYS A 150 -2.44 2.66 -45.58
CA LYS A 150 -1.68 3.82 -46.03
C LYS A 150 -2.50 4.65 -47.00
N VAL A 151 -2.71 5.92 -46.65
CA VAL A 151 -3.44 6.85 -47.50
C VAL A 151 -2.42 7.81 -48.12
N GLN A 152 -2.33 7.81 -49.45
CA GLN A 152 -1.40 8.65 -50.18
C GLN A 152 -2.15 9.65 -51.06
N TRP A 153 -2.03 10.95 -50.75
CA TRP A 153 -2.69 12.00 -51.54
C TRP A 153 -1.82 12.47 -52.70
N LYS A 154 -2.45 12.67 -53.86
CA LYS A 154 -1.74 13.12 -55.06
C LYS A 154 -2.51 14.23 -55.75
N VAL A 155 -1.88 15.41 -55.82
CA VAL A 155 -2.48 16.56 -56.48
C VAL A 155 -1.79 16.72 -57.83
N ASP A 156 -2.56 16.56 -58.92
CA ASP A 156 -2.01 16.63 -60.27
C ASP A 156 -0.82 15.69 -60.36
N ASN A 157 -1.07 14.47 -59.88
CA ASN A 157 -0.09 13.39 -59.85
C ASN A 157 1.26 13.77 -59.21
N ALA A 158 1.16 14.45 -58.08
CA ALA A 158 2.33 14.88 -57.31
C ALA A 158 2.04 14.52 -55.85
N LEU A 159 2.89 13.67 -55.26
CA LEU A 159 2.71 13.25 -53.87
C LEU A 159 2.72 14.37 -52.85
N GLN A 160 1.76 14.30 -51.95
CA GLN A 160 1.64 15.28 -50.89
C GLN A 160 2.11 14.65 -49.60
N SER A 161 2.59 15.47 -48.69
CA SER A 161 3.06 14.99 -47.40
C SER A 161 3.16 16.15 -46.42
N GLY A 162 2.48 16.01 -45.29
CA GLY A 162 2.50 17.06 -44.29
C GLY A 162 1.42 18.11 -44.48
N ASN A 163 0.34 17.75 -45.17
CA ASN A 163 -0.77 18.67 -45.39
C ASN A 163 -2.12 17.95 -45.29
N SER A 164 -2.11 16.83 -44.56
CA SER A 164 -3.30 16.01 -44.35
C SER A 164 -3.24 15.38 -42.95
N GLN A 165 -4.42 15.11 -42.39
CA GLN A 165 -4.53 14.51 -41.08
C GLN A 165 -5.52 13.35 -41.10
N GLU A 166 -5.11 12.22 -40.56
CA GLU A 166 -5.97 11.05 -40.52
C GLU A 166 -6.70 10.96 -39.16
N SER A 167 -7.76 10.15 -39.13
CA SER A 167 -8.53 9.94 -37.93
C SER A 167 -9.22 8.58 -38.10
N VAL A 168 -9.08 7.72 -37.10
CA VAL A 168 -9.66 6.38 -37.15
C VAL A 168 -10.68 6.13 -36.06
N THR A 169 -11.77 5.49 -36.43
CA THR A 169 -12.83 5.15 -35.50
C THR A 169 -12.37 3.96 -34.67
N GLU A 170 -12.98 3.80 -33.50
CA GLU A 170 -12.65 2.67 -32.64
C GLU A 170 -13.27 1.43 -33.29
N GLN A 171 -12.67 0.26 -33.05
CA GLN A 171 -13.19 -0.99 -33.64
C GLN A 171 -14.70 -1.15 -33.42
N ASP A 172 -15.41 -1.46 -34.50
CA ASP A 172 -16.85 -1.64 -34.45
C ASP A 172 -17.26 -2.82 -33.56
N SER A 173 -18.27 -2.59 -32.73
CA SER A 173 -18.74 -3.61 -31.80
C SER A 173 -19.62 -4.68 -32.46
N LYS A 174 -19.95 -4.50 -33.74
CA LYS A 174 -20.79 -5.45 -34.45
C LYS A 174 -20.07 -6.21 -35.57
N ASP A 175 -19.38 -5.48 -36.46
CA ASP A 175 -18.66 -6.15 -37.53
C ASP A 175 -17.15 -6.15 -37.34
N SER A 176 -16.70 -5.61 -36.21
CA SER A 176 -15.28 -5.53 -35.86
C SER A 176 -14.32 -4.87 -36.87
N THR A 177 -14.85 -3.98 -37.72
CA THR A 177 -14.03 -3.29 -38.72
C THR A 177 -13.61 -1.90 -38.27
N TYR A 178 -12.87 -1.22 -39.14
CA TYR A 178 -12.40 0.14 -38.88
C TYR A 178 -12.73 1.06 -40.07
N SER A 179 -12.68 2.36 -39.81
CA SER A 179 -12.91 3.36 -40.84
C SER A 179 -11.92 4.48 -40.61
N LEU A 180 -11.41 5.07 -41.69
CA LEU A 180 -10.43 6.14 -41.59
C LEU A 180 -10.81 7.38 -42.43
N SER A 181 -10.46 8.56 -41.90
CA SER A 181 -10.77 9.82 -42.55
C SER A 181 -9.54 10.69 -42.75
N SER A 182 -9.04 10.75 -43.98
CA SER A 182 -7.89 11.56 -44.30
C SER A 182 -8.39 12.89 -44.84
N THR A 183 -7.87 14.00 -44.28
CA THR A 183 -8.29 15.33 -44.72
C THR A 183 -7.14 16.18 -45.25
N LEU A 184 -7.12 16.38 -46.57
CA LEU A 184 -6.07 17.19 -47.20
C LEU A 184 -6.47 18.64 -47.12
N THR A 185 -5.61 19.49 -46.57
CA THR A 185 -5.91 20.90 -46.43
C THR A 185 -5.04 21.78 -47.33
N LEU A 186 -5.71 22.61 -48.12
CA LEU A 186 -5.08 23.52 -49.07
C LEU A 186 -5.73 24.90 -49.00
N SER A 187 -5.05 25.88 -49.58
CA SER A 187 -5.57 27.23 -49.64
C SER A 187 -6.43 27.29 -50.91
N LYS A 188 -7.47 28.13 -50.89
CA LYS A 188 -8.33 28.27 -52.07
C LYS A 188 -7.48 28.53 -53.32
N ALA A 189 -6.44 29.33 -53.16
CA ALA A 189 -5.52 29.66 -54.26
C ALA A 189 -4.81 28.43 -54.81
N ASP A 190 -4.29 27.59 -53.92
CA ASP A 190 -3.59 26.37 -54.31
C ASP A 190 -4.54 25.37 -54.97
N TYR A 191 -5.75 25.29 -54.43
CA TYR A 191 -6.76 24.39 -54.96
C TYR A 191 -7.10 24.82 -56.37
N GLU A 192 -7.38 26.11 -56.50
CA GLU A 192 -7.72 26.71 -57.78
C GLU A 192 -6.69 26.48 -58.90
N LYS A 193 -5.42 26.32 -58.54
CA LYS A 193 -4.39 26.12 -59.55
C LYS A 193 -4.04 24.67 -59.90
N HIS A 194 -4.92 23.73 -59.52
CA HIS A 194 -4.70 22.31 -59.79
C HIS A 194 -6.00 21.65 -60.20
N LYS A 195 -5.90 20.63 -61.07
CA LYS A 195 -7.08 19.93 -61.56
C LYS A 195 -7.44 18.63 -60.86
N VAL A 196 -6.66 17.59 -61.13
CA VAL A 196 -6.91 16.27 -60.56
C VAL A 196 -6.48 16.11 -59.11
N TYR A 197 -7.42 15.62 -58.29
CA TYR A 197 -7.18 15.37 -56.87
C TYR A 197 -7.46 13.90 -56.58
N ALA A 198 -6.40 13.14 -56.29
CA ALA A 198 -6.52 11.71 -56.04
C ALA A 198 -6.23 11.29 -54.62
N CYS A 199 -6.68 10.08 -54.29
CA CYS A 199 -6.51 9.48 -52.98
C CYS A 199 -6.14 8.02 -53.21
N GLU A 200 -4.88 7.66 -52.98
CA GLU A 200 -4.39 6.30 -53.17
C GLU A 200 -4.31 5.48 -51.89
N VAL A 201 -5.26 4.57 -51.74
CA VAL A 201 -5.33 3.71 -50.56
C VAL A 201 -4.65 2.35 -50.76
N THR A 202 -3.68 2.08 -49.90
CA THR A 202 -2.93 0.83 -49.95
C THR A 202 -3.39 -0.01 -48.75
N HIS A 203 -3.97 -1.17 -49.03
CA HIS A 203 -4.45 -2.05 -47.96
C HIS A 203 -4.26 -3.52 -48.34
N GLN A 204 -4.23 -4.38 -47.33
CA GLN A 204 -4.05 -5.81 -47.52
C GLN A 204 -5.21 -6.49 -48.26
N GLY A 205 -6.44 -6.02 -48.03
CA GLY A 205 -7.59 -6.60 -48.72
C GLY A 205 -7.60 -6.26 -50.21
N LEU A 206 -6.72 -5.34 -50.58
CA LEU A 206 -6.59 -4.89 -51.97
C LEU A 206 -5.30 -5.46 -52.54
N SER A 207 -5.44 -6.27 -53.59
CA SER A 207 -4.27 -6.88 -54.24
C SER A 207 -3.39 -5.75 -54.78
N SER A 208 -4.05 -4.73 -55.35
CA SER A 208 -3.40 -3.55 -55.90
C SER A 208 -4.06 -2.32 -55.28
N PRO A 209 -3.25 -1.33 -54.83
CA PRO A 209 -3.75 -0.11 -54.22
C PRO A 209 -4.76 0.66 -55.08
N VAL A 210 -5.97 0.82 -54.54
CA VAL A 210 -7.06 1.52 -55.23
C VAL A 210 -6.84 3.02 -55.20
N THR A 211 -7.24 3.71 -56.27
CA THR A 211 -7.07 5.14 -56.35
C THR A 211 -8.34 5.86 -56.80
N LYS A 212 -9.08 6.40 -55.83
CA LYS A 212 -10.30 7.16 -56.11
C LYS A 212 -9.91 8.61 -56.31
N SER A 213 -10.53 9.27 -57.29
CA SER A 213 -10.20 10.67 -57.56
C SER A 213 -11.34 11.44 -58.20
N PHE A 214 -11.05 12.71 -58.47
CA PHE A 214 -11.99 13.62 -59.10
C PHE A 214 -11.23 14.77 -59.76
N ASN A 215 -11.75 15.24 -60.87
CA ASN A 215 -11.15 16.34 -61.60
C ASN A 215 -11.84 17.60 -61.09
N ARG A 216 -11.04 18.60 -60.75
CA ARG A 216 -11.51 19.86 -60.21
C ARG A 216 -12.87 20.42 -60.68
N GLY A 217 -12.93 20.98 -61.88
CA GLY A 217 -14.19 21.52 -62.36
C GLY A 217 -15.00 20.58 -63.23
N GLU A 218 -15.63 19.57 -62.59
CA GLU A 218 -16.42 18.54 -63.29
C GLU A 218 -17.62 17.97 -62.49
N CYS A 219 -17.79 18.45 -61.27
CA CYS A 219 -18.80 17.89 -60.34
C CYS A 219 -20.32 17.87 -60.51
N GLU B 1 -14.92 1.99 1.93
CA GLU B 1 -14.82 2.23 0.45
C GLU B 1 -13.67 3.18 0.12
N ILE B 2 -12.54 2.60 -0.28
CA ILE B 2 -11.35 3.40 -0.59
C ILE B 2 -11.47 4.03 -1.97
N GLN B 3 -11.01 5.28 -2.09
CA GLN B 3 -11.04 5.97 -3.38
C GLN B 3 -10.28 7.27 -3.42
N LEU B 4 -9.73 7.59 -4.60
CA LEU B 4 -8.98 8.82 -4.84
C LEU B 4 -9.74 9.67 -5.85
N VAL B 5 -10.17 10.85 -5.44
CA VAL B 5 -10.93 11.74 -6.31
C VAL B 5 -10.08 12.92 -6.72
N GLN B 6 -9.93 13.10 -8.02
CA GLN B 6 -9.16 14.21 -8.57
C GLN B 6 -10.02 15.41 -8.98
N SER B 7 -9.38 16.57 -9.08
CA SER B 7 -10.04 17.80 -9.46
C SER B 7 -10.48 17.76 -10.94
N GLY B 8 -11.37 18.68 -11.32
CA GLY B 8 -11.88 18.72 -12.67
C GLY B 8 -10.92 19.12 -13.77
N ALA B 9 -11.36 18.91 -15.00
CA ALA B 9 -10.59 19.26 -16.19
C ALA B 9 -10.28 20.76 -16.22
N GLU B 10 -9.20 21.13 -16.90
CA GLU B 10 -8.81 22.53 -17.01
C GLU B 10 -8.20 22.90 -18.35
N VAL B 11 -8.48 24.12 -18.78
CA VAL B 11 -7.92 24.64 -20.01
C VAL B 11 -6.94 25.73 -19.58
N LYS B 12 -5.69 25.62 -20.03
CA LYS B 12 -4.69 26.59 -19.65
C LYS B 12 -3.92 27.21 -20.82
N LYS B 13 -3.49 28.45 -20.61
CA LYS B 13 -2.73 29.18 -21.63
C LYS B 13 -1.28 28.77 -21.49
N PRO B 14 -0.52 28.77 -22.61
CA PRO B 14 0.90 28.38 -22.50
C PRO B 14 1.64 29.35 -21.59
N GLY B 15 2.51 28.82 -20.73
CA GLY B 15 3.26 29.68 -19.82
C GLY B 15 2.66 29.76 -18.43
N SER B 16 1.38 29.38 -18.31
CA SER B 16 0.69 29.41 -17.01
C SER B 16 0.94 28.14 -16.21
N SER B 17 0.34 28.07 -15.03
CA SER B 17 0.49 26.90 -14.17
C SER B 17 -0.85 26.30 -13.74
N VAL B 18 -0.85 24.98 -13.55
CA VAL B 18 -2.05 24.27 -13.12
C VAL B 18 -1.70 23.43 -11.90
N LYS B 19 -2.67 23.28 -11.00
CA LYS B 19 -2.44 22.50 -9.79
C LYS B 19 -3.61 21.55 -9.56
N VAL B 20 -3.39 20.28 -9.91
CA VAL B 20 -4.40 19.24 -9.76
C VAL B 20 -4.43 18.64 -8.34
N SER B 21 -5.61 18.27 -7.86
CA SER B 21 -5.72 17.71 -6.54
C SER B 21 -6.16 16.26 -6.59
N CYS B 22 -5.80 15.50 -5.56
CA CYS B 22 -6.16 14.09 -5.46
C CYS B 22 -6.57 13.87 -4.02
N LYS B 23 -7.88 13.83 -3.76
CA LYS B 23 -8.43 13.66 -2.42
C LYS B 23 -8.54 12.18 -2.08
N ALA B 24 -7.98 11.79 -0.94
CA ALA B 24 -7.99 10.39 -0.51
C ALA B 24 -8.92 10.11 0.66
N SER B 25 -9.54 8.94 0.66
CA SER B 25 -10.46 8.54 1.72
C SER B 25 -10.67 7.03 1.80
N GLY B 26 -11.22 6.56 2.93
CA GLY B 26 -11.48 5.15 3.14
C GLY B 26 -10.28 4.34 3.60
N TYR B 27 -9.17 5.03 3.86
CA TYR B 27 -7.94 4.38 4.28
C TYR B 27 -7.04 5.42 4.94
N THR B 28 -6.00 4.95 5.63
CA THR B 28 -5.06 5.85 6.30
C THR B 28 -4.13 6.47 5.28
N PHE B 29 -4.39 7.73 4.97
CA PHE B 29 -3.63 8.50 3.98
C PHE B 29 -2.10 8.38 4.06
N THR B 30 -1.59 8.53 5.28
CA THR B 30 -0.16 8.49 5.56
C THR B 30 0.54 7.14 5.44
N ASP B 31 -0.22 6.04 5.36
CA ASP B 31 0.38 4.72 5.24
C ASP B 31 0.84 4.35 3.83
N TYR B 32 0.26 5.01 2.83
CA TYR B 32 0.60 4.71 1.44
C TYR B 32 1.15 5.94 0.71
N TYR B 33 2.04 5.68 -0.24
CA TYR B 33 2.66 6.73 -1.05
C TYR B 33 1.73 7.14 -2.18
N ILE B 34 1.89 8.36 -2.69
CA ILE B 34 1.06 8.84 -3.79
C ILE B 34 1.91 9.13 -5.03
N ASN B 35 1.67 8.39 -6.09
CA ASN B 35 2.39 8.61 -7.34
C ASN B 35 1.53 9.41 -8.31
N TRP B 36 2.18 10.10 -9.24
CA TRP B 36 1.48 10.88 -10.25
C TRP B 36 2.02 10.49 -11.62
N MET B 37 1.12 10.05 -12.47
CA MET B 37 1.45 9.66 -13.83
C MET B 37 0.71 10.58 -14.76
N ARG B 38 1.04 10.50 -16.04
CA ARG B 38 0.34 11.29 -17.05
C ARG B 38 0.31 10.54 -18.38
N GLN B 39 -0.75 10.76 -19.14
CA GLN B 39 -0.94 10.07 -20.40
C GLN B 39 -1.46 11.03 -21.46
N ALA B 40 -0.62 11.29 -22.45
CA ALA B 40 -0.97 12.16 -23.56
C ALA B 40 -2.06 11.47 -24.38
N PRO B 41 -2.70 12.21 -25.31
CA PRO B 41 -3.76 11.67 -26.17
C PRO B 41 -3.44 10.32 -26.79
N GLY B 42 -2.57 10.33 -27.79
CA GLY B 42 -2.20 9.08 -28.46
C GLY B 42 -0.92 8.43 -27.97
N GLN B 43 -0.77 8.33 -26.65
CA GLN B 43 0.42 7.72 -26.08
C GLN B 43 0.15 6.85 -24.87
N GLY B 44 1.22 6.26 -24.38
CA GLY B 44 1.15 5.40 -23.22
C GLY B 44 1.38 6.19 -21.96
N LEU B 45 1.39 5.49 -20.83
CA LEU B 45 1.59 6.11 -19.54
C LEU B 45 3.03 6.53 -19.30
N GLU B 46 3.21 7.52 -18.43
CA GLU B 46 4.52 8.03 -18.09
C GLU B 46 4.47 8.49 -16.63
N TRP B 47 5.51 8.14 -15.89
CA TRP B 47 5.62 8.47 -14.46
C TRP B 47 6.21 9.84 -14.18
N ILE B 48 5.50 10.63 -13.37
CA ILE B 48 5.96 11.98 -13.00
C ILE B 48 6.80 11.95 -11.73
N GLY B 49 6.25 11.36 -10.67
CA GLY B 49 6.97 11.28 -9.42
C GLY B 49 6.06 10.84 -8.28
N TRP B 50 6.63 10.64 -7.09
CA TRP B 50 5.83 10.24 -5.93
C TRP B 50 6.15 11.11 -4.75
N ILE B 51 5.36 10.93 -3.69
CA ILE B 51 5.52 11.72 -2.48
C ILE B 51 5.01 10.93 -1.27
N ASP B 52 5.77 11.00 -0.18
CA ASP B 52 5.39 10.31 1.04
C ASP B 52 4.49 11.21 1.88
N PRO B 53 3.19 10.94 1.90
CA PRO B 53 2.24 11.74 2.67
C PRO B 53 2.68 11.90 4.12
N GLY B 54 3.30 10.87 4.68
CA GLY B 54 3.71 10.93 6.06
C GLY B 54 4.94 11.74 6.37
N SER B 55 5.44 12.49 5.39
CA SER B 55 6.63 13.30 5.60
C SER B 55 6.78 14.42 4.59
N GLY B 56 6.23 14.21 3.40
CA GLY B 56 6.33 15.21 2.35
C GLY B 56 7.55 14.99 1.49
N ASN B 57 8.22 13.87 1.73
CA ASN B 57 9.43 13.52 0.99
C ASN B 57 9.00 13.16 -0.43
N THR B 58 9.73 13.67 -1.42
CA THR B 58 9.39 13.43 -2.82
C THR B 58 10.50 12.82 -3.67
N LYS B 59 10.12 12.38 -4.86
CA LYS B 59 11.04 11.81 -5.83
C LYS B 59 10.46 12.18 -7.20
N TYR B 60 11.29 12.82 -8.03
CA TYR B 60 10.86 13.25 -9.36
C TYR B 60 11.59 12.57 -10.50
N ASN B 61 10.96 12.65 -11.67
CA ASN B 61 11.49 12.13 -12.90
C ASN B 61 12.34 13.29 -13.43
N GLU B 62 13.53 13.02 -13.96
CA GLU B 62 14.40 14.08 -14.46
C GLU B 62 13.75 15.04 -15.42
N LYS B 63 12.86 14.53 -16.27
CA LYS B 63 12.16 15.34 -17.26
C LYS B 63 11.14 16.31 -16.67
N PHE B 64 10.73 16.05 -15.42
CA PHE B 64 9.76 16.89 -14.72
C PHE B 64 10.32 17.68 -13.52
N LYS B 65 11.62 17.53 -13.25
CA LYS B 65 12.25 18.24 -12.15
C LYS B 65 12.22 19.75 -12.45
N GLY B 66 11.83 20.52 -11.46
CA GLY B 66 11.74 21.96 -11.62
C GLY B 66 10.35 22.35 -12.12
N ARG B 67 9.88 21.64 -13.14
CA ARG B 67 8.56 21.88 -13.72
C ARG B 67 7.45 21.39 -12.81
N ALA B 68 7.51 20.11 -12.47
CA ALA B 68 6.51 19.49 -11.60
C ALA B 68 6.88 19.64 -10.13
N THR B 69 5.87 19.87 -9.31
CA THR B 69 6.03 20.03 -7.87
C THR B 69 4.88 19.29 -7.16
N LEU B 70 5.23 18.27 -6.37
CA LEU B 70 4.25 17.49 -5.65
C LEU B 70 4.21 17.90 -4.17
N THR B 71 3.01 17.99 -3.63
CA THR B 71 2.81 18.38 -2.24
C THR B 71 1.61 17.60 -1.70
N VAL B 72 1.42 17.67 -0.38
CA VAL B 72 0.30 17.01 0.28
C VAL B 72 -0.25 17.90 1.39
N ASP B 73 -1.45 17.59 1.85
CA ASP B 73 -2.05 18.33 2.93
C ASP B 73 -2.71 17.25 3.78
N THR B 74 -1.98 16.75 4.76
CA THR B 74 -2.48 15.69 5.63
C THR B 74 -3.73 16.03 6.45
N SER B 75 -4.01 17.32 6.66
CA SER B 75 -5.18 17.73 7.42
C SER B 75 -6.45 17.57 6.60
N THR B 76 -6.30 17.43 5.27
CA THR B 76 -7.43 17.26 4.35
C THR B 76 -7.27 16.00 3.52
N ASN B 77 -6.17 15.27 3.75
CA ASN B 77 -5.88 14.03 3.03
C ASN B 77 -5.85 14.27 1.52
N THR B 78 -5.24 15.40 1.14
CA THR B 78 -5.18 15.76 -0.27
C THR B 78 -3.76 15.88 -0.83
N ALA B 79 -3.57 15.26 -1.99
CA ALA B 79 -2.29 15.28 -2.67
C ALA B 79 -2.41 16.25 -3.83
N TYR B 80 -1.35 17.01 -4.07
CA TYR B 80 -1.35 18.00 -5.14
C TYR B 80 -0.21 17.77 -6.12
N MET B 81 -0.41 18.23 -7.35
CA MET B 81 0.56 18.12 -8.43
C MET B 81 0.46 19.41 -9.21
N GLU B 82 1.52 20.21 -9.15
CA GLU B 82 1.57 21.50 -9.84
C GLU B 82 2.62 21.54 -10.94
N LEU B 83 2.17 21.79 -12.17
CA LEU B 83 3.06 21.83 -13.32
C LEU B 83 3.16 23.27 -13.76
N SER B 84 4.37 23.78 -13.88
CA SER B 84 4.61 25.16 -14.28
C SER B 84 5.04 25.32 -15.73
N SER B 85 4.96 26.55 -16.25
CA SER B 85 5.33 26.89 -17.63
C SER B 85 4.85 25.83 -18.59
N LEU B 86 3.53 25.72 -18.65
CA LEU B 86 2.84 24.73 -19.49
C LEU B 86 3.00 25.01 -20.96
N ARG B 87 3.19 23.95 -21.74
CA ARG B 87 3.33 24.03 -23.19
C ARG B 87 2.25 23.12 -23.75
N SER B 88 2.08 23.12 -25.08
CA SER B 88 1.07 22.28 -25.70
C SER B 88 1.36 20.80 -25.46
N GLU B 89 2.64 20.44 -25.36
CA GLU B 89 3.04 19.06 -25.13
C GLU B 89 2.60 18.53 -23.77
N ASP B 90 2.29 19.44 -22.85
CA ASP B 90 1.85 19.04 -21.51
C ASP B 90 0.40 18.61 -21.50
N THR B 91 -0.28 18.81 -22.64
CA THR B 91 -1.68 18.44 -22.78
C THR B 91 -1.79 16.92 -22.64
N ALA B 92 -2.47 16.49 -21.57
CA ALA B 92 -2.66 15.07 -21.30
C ALA B 92 -3.54 14.85 -20.09
N PHE B 93 -3.79 13.58 -19.78
CA PHE B 93 -4.57 13.20 -18.60
C PHE B 93 -3.59 13.00 -17.45
N TYR B 94 -3.94 13.48 -16.27
CA TYR B 94 -3.06 13.33 -15.11
C TYR B 94 -3.65 12.44 -14.05
N PHE B 95 -2.93 11.36 -13.72
CA PHE B 95 -3.39 10.39 -12.71
C PHE B 95 -2.54 10.38 -11.48
N CYS B 96 -3.19 10.09 -10.36
CA CYS B 96 -2.54 9.98 -9.07
C CYS B 96 -2.94 8.60 -8.62
N ALA B 97 -2.00 7.86 -8.04
CA ALA B 97 -2.30 6.53 -7.57
C ALA B 97 -1.58 6.27 -6.25
N ARG B 98 -2.19 5.45 -5.41
CA ARG B 98 -1.58 5.12 -4.13
C ARG B 98 -0.78 3.84 -4.30
N GLU B 99 0.20 3.62 -3.44
CA GLU B 99 0.96 2.38 -3.52
C GLU B 99 1.03 1.68 -2.15
N LYS B 100 0.15 0.69 -1.97
CA LYS B 100 0.13 -0.11 -0.73
C LYS B 100 1.50 -0.72 -0.57
N THR B 101 2.01 -0.70 0.64
CA THR B 101 3.35 -1.21 0.90
C THR B 101 3.52 -2.03 2.17
N THR B 102 2.44 -2.38 2.86
CA THR B 102 2.58 -3.10 4.10
C THR B 102 3.27 -4.46 3.99
N TYR B 103 2.61 -5.40 3.31
CA TYR B 103 3.15 -6.74 3.12
C TYR B 103 3.68 -6.96 1.70
N TYR B 104 3.56 -5.93 0.87
CA TYR B 104 4.02 -5.97 -0.51
C TYR B 104 3.72 -4.65 -1.18
N TYR B 105 4.27 -4.45 -2.37
CA TYR B 105 4.04 -3.22 -3.14
C TYR B 105 2.97 -3.42 -4.22
N ALA B 106 1.98 -2.53 -4.23
CA ALA B 106 0.88 -2.61 -5.19
C ALA B 106 0.25 -1.27 -5.42
N MET B 107 0.31 -0.76 -6.66
CA MET B 107 -0.31 0.52 -6.97
C MET B 107 -1.78 0.20 -7.32
N ASP B 108 -2.55 -0.16 -6.29
CA ASP B 108 -3.94 -0.57 -6.44
C ASP B 108 -5.04 0.43 -6.79
N TYR B 109 -5.14 1.53 -6.05
CA TYR B 109 -6.18 2.53 -6.30
C TYR B 109 -5.71 3.76 -7.07
N TRP B 110 -6.42 4.05 -8.17
CA TRP B 110 -6.10 5.21 -9.00
C TRP B 110 -7.22 6.23 -8.96
N GLY B 111 -6.84 7.49 -9.20
CA GLY B 111 -7.80 8.58 -9.25
C GLY B 111 -8.42 8.58 -10.63
N GLN B 112 -9.60 9.17 -10.78
CA GLN B 112 -10.29 9.19 -12.07
C GLN B 112 -9.58 9.87 -13.23
N GLY B 113 -8.62 10.73 -12.93
CA GLY B 113 -7.92 11.44 -13.99
C GLY B 113 -8.35 12.88 -14.13
N THR B 114 -7.43 13.73 -14.58
CA THR B 114 -7.70 15.15 -14.77
C THR B 114 -7.09 15.60 -16.08
N LEU B 115 -7.95 15.96 -17.03
CA LEU B 115 -7.49 16.42 -18.32
C LEU B 115 -6.97 17.84 -18.21
N VAL B 116 -5.79 18.07 -18.77
CA VAL B 116 -5.22 19.40 -18.79
C VAL B 116 -4.93 19.73 -20.25
N THR B 117 -5.80 20.55 -20.84
CA THR B 117 -5.64 20.97 -22.22
C THR B 117 -4.90 22.29 -22.24
N VAL B 118 -3.68 22.27 -22.77
CA VAL B 118 -2.86 23.47 -22.83
C VAL B 118 -3.03 24.02 -24.23
N SER B 119 -3.95 25.00 -24.28
CA SER B 119 -4.34 25.67 -25.51
C SER B 119 -4.35 27.17 -25.32
N SER B 120 -4.23 27.86 -26.46
CA SER B 120 -4.22 29.31 -26.49
C SER B 120 -5.52 29.81 -27.15
N ALA B 121 -6.35 28.86 -27.62
CA ALA B 121 -7.60 29.18 -28.29
C ALA B 121 -8.72 29.63 -27.37
N SER B 122 -9.84 30.05 -27.98
CA SER B 122 -11.01 30.51 -27.25
C SER B 122 -12.25 29.85 -27.84
N THR B 123 -13.31 29.70 -27.03
CA THR B 123 -14.53 29.04 -27.50
C THR B 123 -15.02 29.56 -28.84
N LYS B 124 -15.13 28.66 -29.81
CA LYS B 124 -15.61 29.01 -31.15
C LYS B 124 -16.50 27.90 -31.71
N GLY B 125 -17.69 28.27 -32.18
CA GLY B 125 -18.61 27.31 -32.75
C GLY B 125 -18.05 26.85 -34.09
N PRO B 126 -18.41 25.66 -34.54
CA PRO B 126 -17.90 25.18 -35.82
C PRO B 126 -18.68 25.61 -37.04
N SER B 127 -18.11 25.34 -38.21
CA SER B 127 -18.73 25.63 -39.49
C SER B 127 -18.99 24.24 -40.07
N VAL B 128 -20.26 23.90 -40.29
CA VAL B 128 -20.61 22.59 -40.82
C VAL B 128 -20.69 22.61 -42.35
N PHE B 129 -19.92 21.75 -42.98
CA PHE B 129 -19.88 21.65 -44.43
C PHE B 129 -20.35 20.29 -44.91
N PRO B 130 -21.06 20.24 -46.05
CA PRO B 130 -21.58 18.99 -46.61
C PRO B 130 -20.52 18.18 -47.35
N LEU B 131 -20.52 16.88 -47.09
CA LEU B 131 -19.57 15.96 -47.71
C LEU B 131 -20.38 15.08 -48.67
N ALA B 132 -20.22 15.32 -49.96
CA ALA B 132 -20.95 14.58 -51.01
C ALA B 132 -20.07 14.45 -52.25
N PRO B 133 -20.25 13.36 -53.01
CA PRO B 133 -19.49 13.09 -54.23
C PRO B 133 -19.66 14.17 -55.30
N CYS B 134 -18.66 14.31 -56.20
CA CYS B 134 -18.74 15.29 -57.28
C CYS B 134 -20.04 15.11 -58.05
N SER B 135 -20.30 13.88 -58.46
CA SER B 135 -21.51 13.56 -59.21
C SER B 135 -22.09 12.21 -58.77
N ARG B 136 -23.40 12.22 -58.50
CA ARG B 136 -24.13 11.03 -58.06
C ARG B 136 -24.00 9.90 -59.11
N SER B 137 -23.52 8.73 -58.67
CA SER B 137 -23.35 7.58 -59.57
C SER B 137 -24.26 6.41 -59.18
N THR B 138 -24.89 5.82 -60.19
CA THR B 138 -25.80 4.68 -59.96
C THR B 138 -25.03 3.36 -60.11
N SER B 139 -23.77 3.48 -60.51
CA SER B 139 -22.88 2.33 -60.71
C SER B 139 -22.67 1.49 -59.45
N GLU B 140 -22.50 2.16 -58.31
CA GLU B 140 -22.30 1.48 -57.03
C GLU B 140 -23.62 1.24 -56.31
N SER B 141 -23.64 0.23 -55.43
CA SER B 141 -24.83 -0.13 -54.68
C SER B 141 -25.10 0.83 -53.51
N THR B 142 -24.05 1.14 -52.77
CA THR B 142 -24.15 2.07 -51.64
C THR B 142 -23.34 3.34 -51.90
N ALA B 143 -23.91 4.47 -51.50
CA ALA B 143 -23.25 5.76 -51.65
C ALA B 143 -22.91 6.30 -50.28
N ALA B 144 -21.86 7.10 -50.21
CA ALA B 144 -21.47 7.69 -48.94
C ALA B 144 -21.55 9.22 -48.99
N LEU B 145 -21.96 9.79 -47.87
CA LEU B 145 -22.04 11.24 -47.73
C LEU B 145 -21.90 11.61 -46.25
N GLY B 146 -21.50 12.85 -45.97
CA GLY B 146 -21.34 13.26 -44.59
C GLY B 146 -21.32 14.76 -44.35
N CYS B 147 -20.72 15.13 -43.22
CA CYS B 147 -20.59 16.52 -42.82
C CYS B 147 -19.23 16.77 -42.18
N LEU B 148 -18.56 17.80 -42.65
CA LEU B 148 -17.27 18.20 -42.12
C LEU B 148 -17.49 19.33 -41.10
N VAL B 149 -17.24 19.01 -39.83
CA VAL B 149 -17.39 19.98 -38.74
C VAL B 149 -16.02 20.61 -38.49
N LYS B 150 -15.77 21.74 -39.12
CA LYS B 150 -14.48 22.42 -39.05
C LYS B 150 -14.37 23.58 -38.07
N ASP B 151 -13.13 23.88 -37.69
CA ASP B 151 -12.77 24.96 -36.78
C ASP B 151 -13.66 25.20 -35.58
N TYR B 152 -13.42 24.47 -34.49
CA TYR B 152 -14.20 24.68 -33.27
C TYR B 152 -13.38 24.48 -32.02
N PHE B 153 -13.87 24.98 -30.89
CA PHE B 153 -13.18 24.85 -29.62
C PHE B 153 -14.12 25.16 -28.46
N PRO B 154 -14.09 24.35 -27.40
CA PRO B 154 -13.24 23.18 -27.22
C PRO B 154 -14.03 21.94 -27.67
N GLU B 155 -13.78 20.81 -27.02
CA GLU B 155 -14.50 19.60 -27.37
C GLU B 155 -15.68 19.53 -26.42
N PRO B 156 -16.76 18.84 -26.82
CA PRO B 156 -16.88 18.15 -28.11
C PRO B 156 -18.09 18.66 -28.88
N VAL B 157 -18.39 17.97 -29.98
CA VAL B 157 -19.55 18.25 -30.81
C VAL B 157 -20.27 16.91 -30.98
N THR B 158 -21.61 16.93 -30.97
CA THR B 158 -22.38 15.70 -31.15
C THR B 158 -23.12 15.73 -32.47
N VAL B 159 -22.69 14.88 -33.39
CA VAL B 159 -23.32 14.80 -34.70
C VAL B 159 -24.31 13.64 -34.72
N SER B 160 -25.43 13.88 -35.39
CA SER B 160 -26.47 12.86 -35.53
C SER B 160 -27.01 13.00 -36.94
N TRP B 161 -27.86 12.08 -37.35
CA TRP B 161 -28.44 12.16 -38.68
C TRP B 161 -29.95 11.98 -38.63
N ASN B 162 -30.65 12.86 -39.34
CA ASN B 162 -32.13 12.84 -39.41
C ASN B 162 -32.74 12.81 -38.01
N SER B 163 -32.13 13.58 -37.11
CA SER B 163 -32.59 13.65 -35.73
C SER B 163 -32.69 12.30 -35.04
N GLY B 164 -31.77 11.40 -35.38
CA GLY B 164 -31.75 10.09 -34.75
C GLY B 164 -32.46 9.01 -35.52
N ALA B 165 -33.13 9.37 -36.62
CA ALA B 165 -33.84 8.40 -37.45
C ALA B 165 -32.85 7.53 -38.25
N LEU B 166 -31.68 8.06 -38.55
CA LEU B 166 -30.64 7.34 -39.28
C LEU B 166 -29.46 7.13 -38.33
N THR B 167 -29.25 5.89 -37.90
CA THR B 167 -28.17 5.55 -36.98
C THR B 167 -27.22 4.48 -37.53
N SER B 168 -27.78 3.52 -38.25
CA SER B 168 -26.99 2.45 -38.83
C SER B 168 -26.09 2.89 -39.97
N GLY B 169 -24.83 2.50 -39.90
CA GLY B 169 -23.88 2.87 -40.93
C GLY B 169 -23.19 4.20 -40.69
N VAL B 170 -23.60 4.90 -39.63
CA VAL B 170 -23.01 6.20 -39.31
C VAL B 170 -21.62 6.04 -38.68
N HIS B 171 -20.69 6.91 -39.06
CA HIS B 171 -19.34 6.89 -38.53
C HIS B 171 -18.82 8.29 -38.23
N THR B 172 -18.85 8.66 -36.95
CA THR B 172 -18.35 9.97 -36.52
C THR B 172 -16.92 9.79 -36.01
N PHE B 173 -15.98 10.29 -36.78
CA PHE B 173 -14.57 10.18 -36.42
C PHE B 173 -14.17 11.08 -35.25
N PRO B 174 -13.09 10.71 -34.53
CA PRO B 174 -12.62 11.51 -33.41
C PRO B 174 -12.01 12.81 -33.94
N ALA B 175 -12.22 13.89 -33.21
CA ALA B 175 -11.69 15.19 -33.61
C ALA B 175 -10.16 15.20 -33.74
N VAL B 176 -9.66 16.03 -34.64
CA VAL B 176 -8.23 16.18 -34.86
C VAL B 176 -7.86 17.65 -34.55
N LEU B 177 -6.76 17.87 -33.85
CA LEU B 177 -6.35 19.23 -33.51
C LEU B 177 -5.54 19.83 -34.62
N GLN B 178 -6.05 20.91 -35.20
CA GLN B 178 -5.36 21.59 -36.29
C GLN B 178 -4.30 22.51 -35.73
N SER B 179 -3.34 22.88 -36.58
CA SER B 179 -2.26 23.78 -36.18
C SER B 179 -2.80 25.13 -35.68
N SER B 180 -4.05 25.44 -36.05
CA SER B 180 -4.69 26.67 -35.63
C SER B 180 -5.13 26.62 -34.17
N GLY B 181 -5.10 25.43 -33.59
CA GLY B 181 -5.49 25.26 -32.20
C GLY B 181 -6.98 24.98 -32.10
N LEU B 182 -7.58 24.73 -33.26
CA LEU B 182 -9.01 24.46 -33.37
C LEU B 182 -9.25 23.05 -33.85
N TYR B 183 -10.31 22.45 -33.34
CA TYR B 183 -10.66 21.07 -33.69
C TYR B 183 -11.43 20.96 -35.01
N SER B 184 -11.43 19.76 -35.58
CA SER B 184 -12.11 19.46 -36.83
C SER B 184 -12.30 17.96 -37.01
N LEU B 185 -13.55 17.54 -37.18
CA LEU B 185 -13.87 16.14 -37.38
C LEU B 185 -14.93 16.04 -38.47
N SER B 186 -15.12 14.83 -38.96
CA SER B 186 -16.11 14.58 -39.99
C SER B 186 -16.99 13.39 -39.62
N SER B 187 -18.26 13.47 -39.98
CA SER B 187 -19.21 12.40 -39.72
C SER B 187 -19.68 11.96 -41.10
N VAL B 188 -19.73 10.65 -41.31
CA VAL B 188 -20.17 10.13 -42.60
C VAL B 188 -21.19 9.02 -42.43
N VAL B 189 -21.95 8.76 -43.50
CA VAL B 189 -22.97 7.72 -43.53
C VAL B 189 -23.11 7.11 -44.91
N THR B 190 -23.16 5.77 -44.96
CA THR B 190 -23.34 5.05 -46.21
C THR B 190 -24.81 4.67 -46.31
N VAL B 191 -25.39 4.95 -47.46
CA VAL B 191 -26.79 4.67 -47.71
C VAL B 191 -27.00 4.06 -49.10
N PRO B 192 -28.17 3.44 -49.34
CA PRO B 192 -28.50 2.82 -50.63
C PRO B 192 -28.59 3.92 -51.68
N SER B 193 -27.71 3.87 -52.68
CA SER B 193 -27.70 4.85 -53.75
C SER B 193 -29.04 4.86 -54.47
N SER B 194 -29.74 3.73 -54.39
CA SER B 194 -31.06 3.57 -55.00
C SER B 194 -32.15 4.20 -54.15
N SER B 195 -31.89 5.44 -53.72
CA SER B 195 -32.81 6.23 -52.89
C SER B 195 -32.18 7.60 -52.64
N LEU B 196 -31.11 7.88 -53.38
CA LEU B 196 -30.38 9.13 -53.26
C LEU B 196 -31.03 10.21 -54.14
N GLY B 197 -32.08 10.84 -53.61
CA GLY B 197 -32.78 11.88 -54.33
C GLY B 197 -34.14 12.11 -53.72
N THR B 198 -34.92 11.04 -53.60
CA THR B 198 -36.26 11.10 -53.00
C THR B 198 -36.18 11.09 -51.47
N LYS B 199 -35.03 10.69 -50.96
CA LYS B 199 -34.78 10.65 -49.53
C LYS B 199 -33.77 11.75 -49.15
N THR B 200 -34.13 12.54 -48.14
CA THR B 200 -33.30 13.63 -47.65
C THR B 200 -32.40 13.17 -46.50
N TYR B 201 -31.15 13.58 -46.57
CA TYR B 201 -30.17 13.24 -45.53
C TYR B 201 -29.62 14.53 -44.92
N THR B 202 -29.80 14.68 -43.61
CA THR B 202 -29.34 15.87 -42.89
C THR B 202 -28.63 15.57 -41.54
N CYS B 203 -27.46 16.18 -41.36
CA CYS B 203 -26.69 16.00 -40.13
C CYS B 203 -26.97 17.10 -39.13
N ASN B 204 -27.21 16.73 -37.88
CA ASN B 204 -27.49 17.70 -36.81
C ASN B 204 -26.30 17.85 -35.86
N VAL B 205 -25.44 18.83 -36.12
CA VAL B 205 -24.26 19.10 -35.29
C VAL B 205 -24.60 20.01 -34.10
N ASP B 206 -24.11 19.64 -32.93
CA ASP B 206 -24.37 20.40 -31.70
C ASP B 206 -23.08 20.66 -30.91
N HIS B 207 -22.77 21.94 -30.68
CA HIS B 207 -21.59 22.34 -29.90
C HIS B 207 -22.05 23.18 -28.73
N LYS B 208 -22.32 22.53 -27.60
CA LYS B 208 -22.82 23.21 -26.40
C LYS B 208 -22.00 24.38 -25.87
N PRO B 209 -20.67 24.27 -25.88
CA PRO B 209 -19.86 25.38 -25.38
C PRO B 209 -20.17 26.74 -26.03
N SER B 210 -20.54 26.73 -27.31
CA SER B 210 -20.85 27.94 -28.06
C SER B 210 -22.32 28.03 -28.36
N ASN B 211 -23.10 27.13 -27.76
CA ASN B 211 -24.54 27.08 -27.95
C ASN B 211 -24.96 27.07 -29.43
N THR B 212 -24.12 26.48 -30.27
CA THR B 212 -24.39 26.38 -31.69
C THR B 212 -25.09 25.08 -32.02
N LYS B 213 -26.16 25.16 -32.81
CA LYS B 213 -26.92 23.98 -33.26
C LYS B 213 -27.14 24.13 -34.75
N VAL B 214 -26.48 23.29 -35.55
CA VAL B 214 -26.58 23.34 -37.01
C VAL B 214 -27.09 22.04 -37.67
N ASP B 215 -27.98 22.21 -38.65
CA ASP B 215 -28.55 21.11 -39.43
C ASP B 215 -28.14 21.43 -40.85
N LYS B 216 -27.47 20.49 -41.51
CA LYS B 216 -27.05 20.71 -42.89
C LYS B 216 -27.55 19.61 -43.80
N ARG B 217 -28.46 19.97 -44.71
CA ARG B 217 -29.02 19.02 -45.68
C ARG B 217 -27.93 18.70 -46.70
N VAL B 218 -27.62 17.42 -46.84
CA VAL B 218 -26.60 16.96 -47.78
C VAL B 218 -27.26 16.43 -49.06
N GLU B 219 -26.73 16.87 -50.21
CA GLU B 219 -27.19 16.53 -51.57
C GLU B 219 -28.42 15.61 -51.71
N ASP C 1 20.96 -31.42 36.34
CA ASP C 1 20.25 -30.24 35.78
C ASP C 1 20.44 -30.21 34.26
N ILE C 2 19.34 -30.30 33.52
CA ILE C 2 19.39 -30.29 32.05
C ILE C 2 19.15 -28.92 31.45
N GLN C 3 20.04 -28.50 30.55
CA GLN C 3 19.91 -27.21 29.89
C GLN C 3 19.11 -27.35 28.60
N MET C 4 18.12 -26.49 28.44
CA MET C 4 17.28 -26.48 27.26
C MET C 4 17.51 -25.17 26.52
N THR C 5 17.92 -25.24 25.26
CA THR C 5 18.15 -24.03 24.47
C THR C 5 17.31 -24.02 23.19
N GLN C 6 16.73 -22.86 22.88
CA GLN C 6 15.89 -22.73 21.68
C GLN C 6 16.49 -21.77 20.67
N SER C 7 16.30 -22.12 19.40
CA SER C 7 16.80 -21.31 18.28
C SER C 7 15.86 -21.33 17.10
N PRO C 8 15.64 -20.16 16.48
CA PRO C 8 16.24 -18.88 16.90
C PRO C 8 15.40 -18.22 17.98
N SER C 9 15.89 -17.11 18.52
CA SER C 9 15.18 -16.39 19.56
C SER C 9 13.90 -15.75 18.99
N THR C 10 14.02 -15.15 17.81
CA THR C 10 12.89 -14.51 17.13
C THR C 10 12.80 -15.06 15.71
N LEU C 11 11.57 -15.28 15.23
CA LEU C 11 11.39 -15.83 13.90
C LEU C 11 10.30 -15.09 13.13
N SER C 12 10.70 -14.46 12.03
CA SER C 12 9.79 -13.70 11.17
C SER C 12 9.18 -14.60 10.11
N ALA C 13 7.85 -14.73 10.14
CA ALA C 13 7.14 -15.58 9.19
C ALA C 13 5.80 -14.98 8.78
N SER C 14 5.34 -15.35 7.59
CA SER C 14 4.07 -14.86 7.07
C SER C 14 2.97 -15.91 7.05
N VAL C 15 1.72 -15.45 7.19
CA VAL C 15 0.54 -16.32 7.20
C VAL C 15 0.55 -17.27 6.01
N GLY C 16 0.41 -18.56 6.32
CA GLY C 16 0.42 -19.56 5.28
C GLY C 16 1.74 -20.31 5.14
N ASP C 17 2.79 -19.83 5.81
CA ASP C 17 4.09 -20.51 5.75
C ASP C 17 4.14 -21.77 6.63
N ARG C 18 5.21 -22.55 6.44
CA ARG C 18 5.43 -23.74 7.24
C ARG C 18 6.59 -23.40 8.18
N VAL C 19 6.24 -23.11 9.43
CA VAL C 19 7.21 -22.72 10.46
C VAL C 19 7.65 -23.89 11.33
N THR C 20 8.96 -23.96 11.59
CA THR C 20 9.52 -24.99 12.45
C THR C 20 10.38 -24.36 13.53
N ILE C 21 10.11 -24.73 14.78
CA ILE C 21 10.84 -24.22 15.92
C ILE C 21 11.71 -25.35 16.45
N THR C 22 12.95 -25.03 16.80
CA THR C 22 13.85 -26.06 17.34
C THR C 22 14.18 -25.87 18.82
N CYS C 23 14.32 -26.98 19.50
CA CYS C 23 14.65 -27.03 20.92
C CYS C 23 15.79 -28.03 21.05
N ARG C 24 16.72 -27.79 21.96
CA ARG C 24 17.86 -28.66 22.14
C ARG C 24 18.18 -28.92 23.62
N SER C 25 18.24 -30.19 24.00
CA SER C 25 18.53 -30.57 25.37
C SER C 25 19.98 -31.00 25.54
N SER C 26 20.57 -30.69 26.70
CA SER C 26 21.96 -31.03 27.00
C SER C 26 22.20 -32.55 27.08
N LYS C 27 21.12 -33.32 27.22
CA LYS C 27 21.20 -34.78 27.28
C LYS C 27 19.88 -35.40 26.80
N SER C 28 19.97 -36.64 26.34
CA SER C 28 18.81 -37.38 25.83
C SER C 28 17.62 -37.37 26.76
N LEU C 29 16.47 -37.03 26.21
CA LEU C 29 15.19 -36.99 26.95
C LEU C 29 14.38 -38.26 26.72
N LEU C 30 15.03 -39.30 26.22
CA LEU C 30 14.33 -40.56 26.00
C LEU C 30 14.30 -41.34 27.31
N HIS C 31 13.11 -41.77 27.70
CA HIS C 31 12.94 -42.51 28.94
C HIS C 31 12.95 -44.02 28.68
N SER C 32 13.04 -44.80 29.75
CA SER C 32 13.04 -46.25 29.64
C SER C 32 11.76 -46.79 29.01
N ASN C 33 10.63 -46.14 29.26
CA ASN C 33 9.37 -46.60 28.69
C ASN C 33 9.26 -46.32 27.19
N GLY C 34 10.32 -45.75 26.61
CA GLY C 34 10.32 -45.45 25.19
C GLY C 34 9.85 -44.06 24.81
N ASP C 35 9.20 -43.37 25.75
CA ASP C 35 8.68 -42.02 25.53
C ASP C 35 9.72 -40.95 25.78
N THR C 36 9.58 -39.82 25.08
CA THR C 36 10.49 -38.69 25.24
C THR C 36 9.78 -37.67 26.13
N PHE C 37 10.35 -37.40 27.29
CA PHE C 37 9.74 -36.46 28.22
C PHE C 37 9.95 -34.98 27.88
N LEU C 38 9.14 -34.49 26.93
CA LEU C 38 9.25 -33.10 26.47
C LEU C 38 7.88 -32.47 26.27
N TYR C 39 7.76 -31.20 26.62
CA TYR C 39 6.53 -30.43 26.45
C TYR C 39 6.76 -29.27 25.50
N TRP C 40 5.73 -28.92 24.73
CA TRP C 40 5.78 -27.78 23.84
C TRP C 40 4.63 -26.88 24.29
N PHE C 41 4.96 -25.63 24.61
CA PHE C 41 3.95 -24.67 25.06
C PHE C 41 3.86 -23.43 24.16
N GLN C 42 2.64 -22.90 24.05
CA GLN C 42 2.38 -21.68 23.30
C GLN C 42 1.94 -20.65 24.31
N GLN C 43 2.45 -19.43 24.19
CA GLN C 43 2.03 -18.38 25.10
C GLN C 43 1.88 -17.04 24.39
N LYS C 44 0.71 -16.43 24.57
CA LYS C 44 0.41 -15.12 24.00
C LYS C 44 0.65 -14.09 25.12
N PRO C 45 1.07 -12.86 24.78
CA PRO C 45 1.32 -11.85 25.79
C PRO C 45 0.17 -11.63 26.78
N GLY C 46 0.52 -11.59 28.07
CA GLY C 46 -0.44 -11.40 29.13
C GLY C 46 -1.34 -12.58 29.42
N LYS C 47 -1.01 -13.72 28.80
CA LYS C 47 -1.78 -14.94 28.98
C LYS C 47 -0.93 -16.06 29.55
N ALA C 48 -1.61 -17.07 30.08
CA ALA C 48 -0.95 -18.24 30.65
C ALA C 48 -0.60 -19.22 29.50
N PRO C 49 0.50 -19.98 29.66
CA PRO C 49 0.94 -20.96 28.66
C PRO C 49 -0.13 -22.02 28.39
N LYS C 50 -0.18 -22.45 27.13
CA LYS C 50 -1.10 -23.47 26.67
C LYS C 50 -0.26 -24.67 26.18
N LEU C 51 -0.71 -25.87 26.53
CA LEU C 51 0.01 -27.08 26.12
C LEU C 51 -0.30 -27.45 24.68
N LEU C 52 0.77 -27.72 23.91
CA LEU C 52 0.64 -28.10 22.51
C LEU C 52 0.99 -29.55 22.31
N MET C 53 2.22 -29.90 22.67
CA MET C 53 2.72 -31.24 22.53
C MET C 53 3.09 -31.86 23.86
N TYR C 54 2.61 -33.07 24.13
CA TYR C 54 3.00 -33.78 25.33
C TYR C 54 3.85 -34.95 24.84
N ARG C 55 4.93 -35.25 25.56
CA ARG C 55 5.88 -36.29 25.18
C ARG C 55 6.35 -36.15 23.73
N MET C 56 6.91 -34.97 23.47
CA MET C 56 7.48 -34.58 22.18
C MET C 56 6.60 -34.51 20.93
N SER C 57 5.95 -35.61 20.58
CA SER C 57 5.15 -35.67 19.37
C SER C 57 3.65 -35.78 19.54
N ASN C 58 3.18 -36.02 20.76
CA ASN C 58 1.74 -36.15 20.99
C ASN C 58 1.01 -34.82 21.07
N LEU C 59 0.15 -34.61 20.08
CA LEU C 59 -0.66 -33.42 19.97
C LEU C 59 -1.65 -33.39 21.14
N ALA C 60 -1.69 -32.28 21.86
CA ALA C 60 -2.60 -32.13 23.00
C ALA C 60 -4.07 -31.98 22.56
N SER C 61 -4.98 -32.39 23.42
CA SER C 61 -6.40 -32.32 23.10
C SER C 61 -6.86 -30.88 22.94
N GLY C 62 -7.54 -30.61 21.82
CA GLY C 62 -8.03 -29.28 21.54
C GLY C 62 -7.16 -28.54 20.54
N VAL C 63 -5.86 -28.80 20.60
CA VAL C 63 -4.88 -28.17 19.71
C VAL C 63 -5.12 -28.55 18.24
N PRO C 64 -5.13 -27.55 17.35
CA PRO C 64 -5.33 -27.71 15.90
C PRO C 64 -4.32 -28.65 15.24
N SER C 65 -4.82 -29.47 14.32
CA SER C 65 -4.02 -30.45 13.60
C SER C 65 -2.92 -29.93 12.70
N ARG C 66 -2.79 -28.61 12.61
CA ARG C 66 -1.73 -28.04 11.79
C ARG C 66 -0.39 -28.12 12.54
N PHE C 67 -0.50 -28.40 13.84
CA PHE C 67 0.64 -28.53 14.73
C PHE C 67 1.14 -29.99 14.75
N SER C 68 2.45 -30.16 14.72
CA SER C 68 3.04 -31.49 14.75
C SER C 68 4.44 -31.40 15.34
N GLY C 69 4.94 -32.51 15.86
CA GLY C 69 6.26 -32.50 16.46
C GLY C 69 7.07 -33.76 16.26
N SER C 70 8.37 -33.61 16.33
CA SER C 70 9.29 -34.72 16.16
C SER C 70 10.63 -34.36 16.78
N GLY C 71 11.59 -35.26 16.64
CA GLY C 71 12.92 -35.06 17.19
C GLY C 71 13.53 -36.36 17.64
N SER C 72 14.84 -36.38 17.81
CA SER C 72 15.53 -37.58 18.25
C SER C 72 16.61 -37.29 19.27
N GLY C 73 16.45 -37.89 20.46
CA GLY C 73 17.42 -37.74 21.52
C GLY C 73 17.59 -36.35 22.08
N THR C 74 18.43 -35.52 21.44
CA THR C 74 18.70 -34.17 21.92
C THR C 74 18.12 -33.00 21.12
N GLU C 75 17.82 -33.23 19.84
CA GLU C 75 17.25 -32.16 19.00
C GLU C 75 15.80 -32.43 18.71
N PHE C 76 14.94 -31.49 19.10
CA PHE C 76 13.48 -31.58 18.90
C PHE C 76 12.98 -30.44 18.02
N THR C 77 11.78 -30.61 17.46
CA THR C 77 11.24 -29.57 16.59
C THR C 77 9.72 -29.54 16.48
N LEU C 78 9.16 -28.35 16.69
CA LEU C 78 7.71 -28.12 16.60
C LEU C 78 7.47 -27.55 15.19
N THR C 79 6.40 -28.02 14.54
CA THR C 79 6.08 -27.56 13.19
C THR C 79 4.63 -27.11 13.02
N ILE C 80 4.46 -25.97 12.35
CA ILE C 80 3.13 -25.42 12.08
C ILE C 80 3.08 -25.40 10.56
N SER C 81 2.33 -26.34 10.00
CA SER C 81 2.20 -26.50 8.54
C SER C 81 1.77 -25.26 7.75
N SER C 82 0.57 -24.75 8.04
CA SER C 82 0.02 -23.57 7.37
C SER C 82 -0.31 -22.55 8.43
N LEU C 83 0.69 -21.72 8.76
CA LEU C 83 0.56 -20.69 9.79
C LEU C 83 -0.71 -19.85 9.64
N GLN C 84 -1.47 -19.77 10.73
CA GLN C 84 -2.70 -18.99 10.78
C GLN C 84 -2.39 -17.72 11.58
N PRO C 85 -3.25 -16.70 11.48
CA PRO C 85 -2.99 -15.46 12.24
C PRO C 85 -3.01 -15.70 13.75
N ASP C 86 -3.71 -16.76 14.16
CA ASP C 86 -3.79 -17.10 15.57
C ASP C 86 -2.48 -17.74 16.08
N ASP C 87 -1.58 -18.06 15.18
CA ASP C 87 -0.33 -18.73 15.58
C ASP C 87 0.84 -17.85 15.96
N PHE C 88 0.64 -16.53 15.86
CA PHE C 88 1.71 -15.61 16.24
C PHE C 88 1.72 -15.53 17.74
N ALA C 89 2.76 -16.11 18.33
CA ALA C 89 2.96 -16.16 19.77
C ALA C 89 4.38 -16.57 20.09
N THR C 90 4.60 -16.95 21.36
CA THR C 90 5.90 -17.39 21.82
C THR C 90 5.79 -18.88 22.19
N TYR C 91 6.75 -19.67 21.71
CA TYR C 91 6.74 -21.11 21.94
C TYR C 91 7.91 -21.55 22.79
N TYR C 92 7.59 -22.23 23.88
CA TYR C 92 8.62 -22.76 24.80
C TYR C 92 8.59 -24.29 24.84
N CYS C 93 9.76 -24.89 24.99
CA CYS C 93 9.85 -26.34 25.10
C CYS C 93 10.34 -26.60 26.52
N MET C 94 9.82 -27.65 27.13
CA MET C 94 10.22 -27.99 28.49
C MET C 94 10.51 -29.48 28.63
N GLN C 95 11.47 -29.78 29.49
CA GLN C 95 11.87 -31.14 29.80
C GLN C 95 11.31 -31.56 31.18
N HIS C 96 10.66 -32.71 31.25
CA HIS C 96 10.15 -33.21 32.53
C HIS C 96 10.75 -34.57 32.88
N LEU C 97 11.99 -34.81 32.45
CA LEU C 97 12.71 -36.06 32.69
C LEU C 97 13.39 -36.10 34.06
N GLU C 98 14.20 -35.07 34.33
CA GLU C 98 14.89 -34.92 35.61
C GLU C 98 14.46 -33.64 36.34
N TYR C 99 14.84 -33.55 37.60
CA TYR C 99 14.54 -32.37 38.40
C TYR C 99 15.77 -31.49 38.49
N PRO C 100 15.58 -30.16 38.42
CA PRO C 100 14.27 -29.53 38.26
C PRO C 100 13.87 -29.44 36.78
N PHE C 101 12.57 -29.28 36.53
CA PHE C 101 12.07 -29.12 35.17
C PHE C 101 12.65 -27.81 34.65
N THR C 102 13.03 -27.80 33.38
CA THR C 102 13.60 -26.60 32.78
C THR C 102 12.97 -26.30 31.42
N PHE C 103 12.79 -25.01 31.13
CA PHE C 103 12.22 -24.57 29.87
C PHE C 103 13.32 -23.99 28.99
N GLY C 104 12.95 -23.62 27.76
CA GLY C 104 13.90 -23.03 26.84
C GLY C 104 13.73 -21.51 26.87
N GLN C 105 14.65 -20.78 26.26
CA GLN C 105 14.57 -19.31 26.24
C GLN C 105 13.25 -18.85 25.65
N GLY C 106 12.66 -19.70 24.79
CA GLY C 106 11.41 -19.37 24.13
C GLY C 106 11.73 -18.76 22.78
N THR C 107 10.81 -18.93 21.82
CA THR C 107 11.01 -18.35 20.48
C THR C 107 9.71 -17.64 20.05
N LYS C 108 9.85 -16.37 19.71
CA LYS C 108 8.74 -15.51 19.30
C LYS C 108 8.52 -15.59 17.80
N VAL C 109 7.28 -15.86 17.39
CA VAL C 109 6.93 -15.93 15.98
C VAL C 109 6.18 -14.64 15.61
N GLU C 110 6.90 -13.71 14.99
CA GLU C 110 6.30 -12.43 14.61
C GLU C 110 5.93 -12.35 13.14
N VAL C 111 4.98 -11.46 12.87
CA VAL C 111 4.47 -11.20 11.54
C VAL C 111 5.50 -10.53 10.64
N LYS C 112 5.73 -11.16 9.49
CA LYS C 112 6.66 -10.66 8.50
C LYS C 112 5.92 -9.64 7.64
N ARG C 113 6.64 -8.59 7.24
CA ARG C 113 6.12 -7.54 6.36
C ARG C 113 7.28 -6.85 5.68
N THR C 114 7.02 -5.87 4.83
CA THR C 114 8.09 -5.20 4.14
C THR C 114 8.95 -4.36 5.08
N VAL C 115 10.19 -4.15 4.70
CA VAL C 115 11.08 -3.34 5.51
C VAL C 115 10.58 -1.87 5.50
N ALA C 116 10.50 -1.27 6.69
CA ALA C 116 10.06 0.11 6.84
C ALA C 116 10.99 0.92 7.77
N ALA C 117 11.66 1.91 7.20
CA ALA C 117 12.55 2.76 7.98
C ALA C 117 11.73 3.53 9.01
N PRO C 118 12.32 3.75 10.20
CA PRO C 118 11.66 4.47 11.29
C PRO C 118 11.68 6.00 11.17
N SER C 119 10.53 6.63 11.37
CA SER C 119 10.44 8.09 11.35
C SER C 119 11.00 8.50 12.71
N VAL C 120 12.11 9.22 12.71
CA VAL C 120 12.73 9.64 13.97
C VAL C 120 12.36 11.04 14.42
N PHE C 121 12.22 11.20 15.73
CA PHE C 121 11.88 12.47 16.36
C PHE C 121 12.63 12.60 17.68
N ILE C 122 13.15 13.79 17.97
CA ILE C 122 13.89 14.02 19.20
C ILE C 122 13.30 15.19 19.97
N PHE C 123 12.91 14.92 21.21
CA PHE C 123 12.29 15.93 22.07
C PHE C 123 13.23 16.37 23.19
N PRO C 124 13.38 17.67 23.37
CA PRO C 124 14.23 18.22 24.43
C PRO C 124 13.45 18.26 25.73
N PRO C 125 14.14 18.30 26.88
CA PRO C 125 13.44 18.34 28.17
C PRO C 125 12.64 19.63 28.34
N SER C 126 11.46 19.53 28.92
CA SER C 126 10.59 20.68 29.14
C SER C 126 11.14 21.65 30.18
N ASP C 127 10.63 22.87 30.18
CA ASP C 127 11.05 23.90 31.13
C ASP C 127 10.74 23.47 32.57
N GLU C 128 9.54 22.92 32.75
CA GLU C 128 9.05 22.45 34.04
C GLU C 128 9.99 21.43 34.68
N GLN C 129 10.49 20.51 33.88
CA GLN C 129 11.37 19.47 34.38
C GLN C 129 12.72 20.02 34.81
N LEU C 130 13.22 21.00 34.05
CA LEU C 130 14.49 21.61 34.38
C LEU C 130 14.32 22.41 35.66
N LYS C 131 13.09 22.84 35.89
CA LYS C 131 12.71 23.60 37.08
C LYS C 131 12.58 22.64 38.27
N SER C 132 12.92 21.37 38.05
CA SER C 132 12.81 20.37 39.11
C SER C 132 14.12 19.60 39.37
N GLY C 133 15.21 20.04 38.75
CA GLY C 133 16.48 19.38 38.98
C GLY C 133 16.99 18.38 37.96
N THR C 134 16.08 17.61 37.36
CA THR C 134 16.48 16.60 36.37
C THR C 134 16.09 16.99 34.95
N ALA C 135 16.76 16.38 33.98
CA ALA C 135 16.47 16.64 32.56
C ALA C 135 16.52 15.34 31.79
N SER C 136 15.48 15.07 31.02
CA SER C 136 15.43 13.85 30.23
C SER C 136 15.07 14.11 28.78
N VAL C 137 15.93 13.64 27.89
CA VAL C 137 15.77 13.81 26.46
C VAL C 137 15.18 12.54 25.87
N VAL C 138 14.14 12.71 25.04
CA VAL C 138 13.46 11.57 24.42
C VAL C 138 13.63 11.46 22.92
N CYS C 139 13.95 10.26 22.45
CA CYS C 139 14.08 10.01 21.01
C CYS C 139 13.04 8.96 20.59
N LEU C 140 12.22 9.31 19.62
CA LEU C 140 11.18 8.43 19.12
C LEU C 140 11.53 7.78 17.80
N LEU C 141 11.22 6.48 17.69
CA LEU C 141 11.42 5.72 16.45
C LEU C 141 10.03 5.20 16.11
N ASN C 142 9.36 5.89 15.19
CA ASN C 142 8.00 5.54 14.84
C ASN C 142 7.83 4.60 13.67
N ASN C 143 6.88 3.67 13.84
CA ASN C 143 6.52 2.65 12.85
C ASN C 143 7.63 2.12 11.95
N PHE C 144 8.31 1.07 12.40
CA PHE C 144 9.39 0.50 11.61
C PHE C 144 9.39 -1.02 11.62
N TYR C 145 10.13 -1.61 10.70
CA TYR C 145 10.24 -3.05 10.58
C TYR C 145 11.54 -3.43 9.85
N PRO C 146 12.28 -4.43 10.34
CA PRO C 146 12.02 -5.25 11.53
C PRO C 146 12.37 -4.59 12.88
N ARG C 147 12.05 -5.28 13.96
CA ARG C 147 12.30 -4.82 15.33
C ARG C 147 13.74 -4.36 15.59
N GLU C 148 14.72 -5.05 15.04
CA GLU C 148 16.14 -4.71 15.25
C GLU C 148 16.48 -3.26 14.94
N ALA C 149 16.98 -2.56 15.95
CA ALA C 149 17.37 -1.16 15.81
C ALA C 149 18.35 -0.71 16.92
N LYS C 150 19.32 0.11 16.53
CA LYS C 150 20.31 0.63 17.46
C LYS C 150 20.16 2.13 17.60
N VAL C 151 19.97 2.59 18.83
CA VAL C 151 19.82 4.00 19.12
C VAL C 151 21.09 4.42 19.84
N GLN C 152 21.83 5.34 19.23
CA GLN C 152 23.07 5.85 19.79
C GLN C 152 22.94 7.35 20.16
N TRP C 153 23.04 7.68 21.45
CA TRP C 153 22.96 9.07 21.90
C TRP C 153 24.33 9.75 21.91
N LYS C 154 24.37 10.99 21.47
CA LYS C 154 25.61 11.76 21.42
C LYS C 154 25.40 13.17 21.96
N VAL C 155 26.11 13.48 23.05
CA VAL C 155 26.02 14.81 23.68
C VAL C 155 27.30 15.57 23.31
N ASP C 156 27.14 16.64 22.54
CA ASP C 156 28.28 17.43 22.08
C ASP C 156 29.26 16.49 21.38
N ASN C 157 28.70 15.66 20.52
CA ASN C 157 29.41 14.66 19.72
C ASN C 157 30.29 13.72 20.55
N ALA C 158 29.74 13.24 21.65
CA ALA C 158 30.42 12.33 22.55
C ALA C 158 29.44 11.21 22.86
N LEU C 159 29.80 9.98 22.51
CA LEU C 159 28.92 8.84 22.75
C LEU C 159 28.54 8.61 24.20
N GLN C 160 27.26 8.36 24.41
CA GLN C 160 26.73 8.08 25.73
C GLN C 160 26.45 6.60 25.84
N SER C 161 26.50 6.08 27.07
CA SER C 161 26.24 4.67 27.30
C SER C 161 25.97 4.45 28.78
N GLY C 162 24.81 3.86 29.07
CA GLY C 162 24.45 3.60 30.46
C GLY C 162 23.72 4.75 31.12
N ASN C 163 23.09 5.60 30.32
CA ASN C 163 22.33 6.72 30.86
C ASN C 163 21.04 6.94 30.07
N SER C 164 20.57 5.87 29.44
CA SER C 164 19.34 5.90 28.64
C SER C 164 18.64 4.56 28.71
N GLN C 165 17.31 4.58 28.58
CA GLN C 165 16.51 3.36 28.63
C GLN C 165 15.54 3.30 27.46
N GLU C 166 15.51 2.16 26.77
CA GLU C 166 14.63 1.98 25.63
C GLU C 166 13.35 1.27 26.05
N SER C 167 12.32 1.38 25.21
CA SER C 167 11.03 0.75 25.46
C SER C 167 10.39 0.57 24.08
N VAL C 168 9.90 -0.65 23.81
CA VAL C 168 9.32 -0.97 22.52
C VAL C 168 7.89 -1.43 22.63
N THR C 169 7.06 -0.94 21.73
CA THR C 169 5.65 -1.29 21.69
C THR C 169 5.52 -2.69 21.09
N GLU C 170 4.40 -3.35 21.40
CA GLU C 170 4.16 -4.67 20.87
C GLU C 170 3.83 -4.48 19.39
N GLN C 171 4.11 -5.47 18.56
CA GLN C 171 3.83 -5.38 17.13
C GLN C 171 2.40 -4.93 16.85
N ASP C 172 2.27 -3.94 15.98
CA ASP C 172 0.97 -3.39 15.61
C ASP C 172 0.05 -4.42 14.93
N SER C 173 -1.20 -4.46 15.36
CA SER C 173 -2.17 -5.39 14.82
C SER C 173 -2.71 -4.99 13.45
N LYS C 174 -2.36 -3.80 12.98
CA LYS C 174 -2.85 -3.33 11.69
C LYS C 174 -1.76 -3.20 10.62
N ASP C 175 -0.65 -2.52 10.94
CA ASP C 175 0.43 -2.37 9.98
C ASP C 175 1.65 -3.23 10.30
N SER C 176 1.55 -4.01 11.37
CA SER C 176 2.62 -4.91 11.81
C SER C 176 3.99 -4.30 12.09
N THR C 177 4.04 -3.00 12.39
CA THR C 177 5.31 -2.32 12.67
C THR C 177 5.59 -2.19 14.17
N TYR C 178 6.73 -1.59 14.47
CA TYR C 178 7.16 -1.36 15.85
C TYR C 178 7.55 0.11 16.05
N SER C 179 7.58 0.53 17.31
CA SER C 179 7.99 1.88 17.69
C SER C 179 8.85 1.80 18.94
N LEU C 180 9.89 2.61 19.01
CA LEU C 180 10.80 2.58 20.16
C LEU C 180 11.00 3.97 20.79
N SER C 181 11.16 3.96 22.11
CA SER C 181 11.35 5.18 22.89
C SER C 181 12.61 5.16 23.75
N SER C 182 13.63 5.88 23.30
CA SER C 182 14.87 5.95 24.06
C SER C 182 14.85 7.23 24.91
N THR C 183 15.14 7.10 26.20
CA THR C 183 15.12 8.25 27.09
C THR C 183 16.45 8.49 27.78
N LEU C 184 17.16 9.54 27.37
CA LEU C 184 18.45 9.89 27.94
C LEU C 184 18.22 10.72 29.17
N THR C 185 18.76 10.30 30.30
CA THR C 185 18.59 11.01 31.55
C THR C 185 19.87 11.68 32.05
N LEU C 186 19.76 12.98 32.29
CA LEU C 186 20.87 13.80 32.75
C LEU C 186 20.42 14.71 33.89
N SER C 187 21.39 15.29 34.60
CA SER C 187 21.12 16.21 35.68
C SER C 187 21.01 17.58 35.03
N LYS C 188 20.20 18.46 35.60
CA LYS C 188 20.03 19.80 35.05
C LYS C 188 21.38 20.47 34.83
N ALA C 189 22.30 20.22 35.76
CA ALA C 189 23.65 20.77 35.70
C ALA C 189 24.40 20.28 34.48
N ASP C 190 24.34 18.96 34.23
CA ASP C 190 25.01 18.33 33.10
C ASP C 190 24.41 18.81 31.76
N TYR C 191 23.09 18.94 31.74
CA TYR C 191 22.38 19.38 30.55
C TYR C 191 22.82 20.80 30.23
N GLU C 192 22.76 21.65 31.25
CA GLU C 192 23.14 23.04 31.13
C GLU C 192 24.56 23.26 30.58
N LYS C 193 25.47 22.32 30.81
CA LYS C 193 26.84 22.48 30.34
C LYS C 193 27.16 21.91 28.96
N HIS C 194 26.12 21.58 28.18
CA HIS C 194 26.31 21.03 26.84
C HIS C 194 25.33 21.63 25.88
N LYS C 195 25.72 21.74 24.61
CA LYS C 195 24.85 22.33 23.59
C LYS C 195 24.08 21.36 22.72
N VAL C 196 24.77 20.72 21.79
CA VAL C 196 24.14 19.80 20.86
C VAL C 196 23.80 18.43 21.44
N TYR C 197 22.54 18.03 21.24
CA TYR C 197 22.01 16.75 21.71
C TYR C 197 21.48 15.99 20.53
N ALA C 198 22.17 14.91 20.17
CA ALA C 198 21.79 14.09 19.01
C ALA C 198 21.31 12.68 19.34
N CYS C 199 20.64 12.10 18.36
CA CYS C 199 20.08 10.76 18.44
C CYS C 199 20.38 10.06 17.12
N GLU C 200 21.32 9.12 17.12
CA GLU C 200 21.70 8.39 15.91
C GLU C 200 21.05 7.02 15.79
N VAL C 201 20.07 6.91 14.91
CA VAL C 201 19.34 5.67 14.69
C VAL C 201 19.91 4.86 13.53
N THR C 202 20.30 3.63 13.83
CA THR C 202 20.83 2.72 12.83
C THR C 202 19.77 1.66 12.59
N HIS C 203 19.26 1.59 11.35
CA HIS C 203 18.23 0.63 10.98
C HIS C 203 18.42 0.13 9.54
N GLN C 204 17.88 -1.05 9.27
CA GLN C 204 17.97 -1.69 7.96
C GLN C 204 17.26 -0.90 6.83
N GLY C 205 16.15 -0.27 7.18
CA GLY C 205 15.42 0.52 6.19
C GLY C 205 16.18 1.78 5.80
N LEU C 206 17.23 2.07 6.57
CA LEU C 206 18.06 3.24 6.34
C LEU C 206 19.39 2.80 5.78
N SER C 207 19.70 3.25 4.57
CA SER C 207 20.96 2.91 3.92
C SER C 207 22.10 3.43 4.79
N SER C 208 21.91 4.63 5.33
CA SER C 208 22.89 5.28 6.20
C SER C 208 22.14 5.71 7.44
N PRO C 209 22.71 5.49 8.63
CA PRO C 209 22.11 5.85 9.92
C PRO C 209 21.74 7.33 10.04
N VAL C 210 20.45 7.57 10.25
CA VAL C 210 19.90 8.92 10.37
C VAL C 210 20.22 9.51 11.76
N THR C 211 20.48 10.81 11.79
CA THR C 211 20.81 11.48 13.05
C THR C 211 19.99 12.77 13.26
N LYS C 212 18.93 12.65 14.07
CA LYS C 212 18.08 13.78 14.41
C LYS C 212 18.66 14.44 15.66
N SER C 213 18.69 15.77 15.69
CA SER C 213 19.25 16.47 16.83
C SER C 213 18.68 17.85 17.04
N PHE C 214 19.17 18.52 18.08
CA PHE C 214 18.75 19.87 18.44
C PHE C 214 19.83 20.52 19.27
N ASN C 215 19.98 21.82 19.08
CA ASN C 215 20.97 22.60 19.81
C ASN C 215 20.24 23.16 21.04
N ARG C 216 20.79 22.93 22.23
CA ARG C 216 20.16 23.41 23.45
C ARG C 216 19.99 24.93 23.42
N GLY C 217 20.90 25.63 22.74
CA GLY C 217 20.85 27.07 22.66
C GLY C 217 19.60 27.57 21.95
N GLU C 218 19.16 26.82 20.95
CA GLU C 218 17.96 27.16 20.16
C GLU C 218 16.69 26.73 20.87
N CYS C 219 16.85 26.00 21.95
CA CYS C 219 15.72 25.56 22.75
C CYS C 219 15.56 26.58 23.89
N GLU D 1 -16.06 -27.62 32.50
CA GLU D 1 -15.54 -26.26 32.84
C GLU D 1 -14.33 -26.38 33.76
N ILE D 2 -13.32 -27.10 33.30
CA ILE D 2 -12.10 -27.30 34.07
C ILE D 2 -11.25 -26.04 34.07
N GLN D 3 -11.03 -25.46 35.25
CA GLN D 3 -10.24 -24.24 35.36
C GLN D 3 -9.57 -24.02 36.72
N LEU D 4 -8.41 -23.35 36.68
CA LEU D 4 -7.63 -23.02 37.86
C LEU D 4 -7.61 -21.50 38.01
N VAL D 5 -8.18 -21.02 39.12
CA VAL D 5 -8.22 -19.58 39.37
C VAL D 5 -7.26 -19.20 40.49
N GLN D 6 -6.36 -18.28 40.19
CA GLN D 6 -5.38 -17.82 41.16
C GLN D 6 -5.79 -16.51 41.84
N SER D 7 -5.17 -16.25 42.98
CA SER D 7 -5.43 -15.04 43.75
C SER D 7 -4.87 -13.79 43.05
N GLY D 8 -5.31 -12.62 43.50
CA GLY D 8 -4.91 -11.37 42.88
C GLY D 8 -3.47 -10.93 43.03
N ALA D 9 -3.09 -9.92 42.25
CA ALA D 9 -1.73 -9.36 42.28
C ALA D 9 -1.43 -8.82 43.66
N GLU D 10 -0.14 -8.74 43.99
CA GLU D 10 0.28 -8.23 45.29
C GLU D 10 1.58 -7.48 45.25
N VAL D 11 1.67 -6.46 46.11
CA VAL D 11 2.86 -5.65 46.23
C VAL D 11 3.43 -5.97 47.63
N LYS D 12 4.68 -6.39 47.68
CA LYS D 12 5.31 -6.77 48.94
C LYS D 12 6.63 -6.08 49.21
N LYS D 13 6.89 -5.85 50.49
CA LYS D 13 8.13 -5.23 50.93
C LYS D 13 9.19 -6.33 50.99
N PRO D 14 10.46 -5.99 50.78
CA PRO D 14 11.51 -7.01 50.84
C PRO D 14 11.59 -7.59 52.26
N GLY D 15 11.76 -8.91 52.35
CA GLY D 15 11.83 -9.55 53.65
C GLY D 15 10.51 -10.16 54.11
N SER D 16 9.40 -9.71 53.50
CA SER D 16 8.08 -10.22 53.85
C SER D 16 7.75 -11.49 53.08
N SER D 17 6.56 -12.04 53.33
CA SER D 17 6.11 -13.27 52.68
C SER D 17 4.79 -13.11 51.96
N VAL D 18 4.62 -13.85 50.87
CA VAL D 18 3.39 -13.84 50.10
C VAL D 18 2.89 -15.28 49.93
N LYS D 19 1.58 -15.46 49.89
CA LYS D 19 0.98 -16.78 49.74
C LYS D 19 -0.11 -16.74 48.67
N VAL D 20 0.22 -17.22 47.48
CA VAL D 20 -0.71 -17.25 46.36
C VAL D 20 -1.58 -18.50 46.38
N SER D 21 -2.82 -18.36 45.95
CA SER D 21 -3.75 -19.48 45.92
C SER D 21 -4.12 -19.87 44.52
N CYS D 22 -4.47 -21.14 44.35
CA CYS D 22 -4.85 -21.67 43.04
C CYS D 22 -6.06 -22.56 43.30
N LYS D 23 -7.25 -22.03 43.03
CA LYS D 23 -8.50 -22.74 43.23
C LYS D 23 -8.86 -23.62 42.01
N ALA D 24 -9.10 -24.90 42.25
CA ALA D 24 -9.41 -25.85 41.18
C ALA D 24 -10.86 -26.31 41.17
N SER D 25 -11.41 -26.49 39.96
CA SER D 25 -12.80 -26.92 39.79
C SER D 25 -13.04 -27.55 38.42
N GLY D 26 -14.17 -28.25 38.30
CA GLY D 26 -14.53 -28.90 37.05
C GLY D 26 -13.86 -30.24 36.81
N TYR D 27 -13.11 -30.70 37.80
CA TYR D 27 -12.41 -31.99 37.72
C TYR D 27 -12.06 -32.48 39.13
N THR D 28 -11.65 -33.74 39.22
CA THR D 28 -11.28 -34.31 40.52
C THR D 28 -9.90 -33.81 40.90
N PHE D 29 -9.88 -32.88 41.84
CA PHE D 29 -8.68 -32.23 42.34
C PHE D 29 -7.54 -33.19 42.67
N THR D 30 -7.87 -34.25 43.42
CA THR D 30 -6.92 -35.25 43.87
C THR D 30 -6.30 -36.17 42.82
N ASP D 31 -6.88 -36.20 41.62
CA ASP D 31 -6.38 -37.06 40.55
C ASP D 31 -5.18 -36.50 39.80
N TYR D 32 -5.02 -35.17 39.84
CA TYR D 32 -3.92 -34.52 39.14
C TYR D 32 -3.00 -33.75 40.09
N TYR D 33 -1.71 -33.72 39.76
CA TYR D 33 -0.72 -33.00 40.54
C TYR D 33 -0.77 -31.50 40.22
N ILE D 34 -0.29 -30.68 41.14
CA ILE D 34 -0.26 -29.23 40.92
C ILE D 34 1.19 -28.70 40.90
N ASN D 35 1.62 -28.15 39.77
CA ASN D 35 2.95 -27.58 39.68
C ASN D 35 2.87 -26.06 39.79
N TRP D 36 3.97 -25.44 40.19
CA TRP D 36 4.03 -23.99 40.32
C TRP D 36 5.26 -23.51 39.59
N MET D 37 5.04 -22.64 38.61
CA MET D 37 6.11 -22.05 37.82
C MET D 37 6.11 -20.55 38.08
N ARG D 38 7.13 -19.88 37.57
CA ARG D 38 7.20 -18.44 37.71
C ARG D 38 7.94 -17.87 36.50
N GLN D 39 7.56 -16.65 36.13
CA GLN D 39 8.15 -15.98 34.99
C GLN D 39 8.40 -14.50 35.26
N ALA D 40 9.64 -14.06 35.10
CA ALA D 40 9.99 -12.67 35.31
C ALA D 40 9.37 -11.87 34.18
N PRO D 41 9.05 -10.58 34.43
CA PRO D 41 8.45 -9.64 33.46
C PRO D 41 8.89 -9.90 32.03
N GLY D 42 10.19 -9.74 31.76
CA GLY D 42 10.71 -10.01 30.44
C GLY D 42 11.62 -11.20 30.58
N GLN D 43 11.04 -12.38 30.70
CA GLN D 43 11.85 -13.57 30.89
C GLN D 43 11.09 -14.83 30.49
N GLY D 44 11.74 -15.98 30.71
CA GLY D 44 11.17 -17.28 30.40
C GLY D 44 10.58 -17.92 31.63
N LEU D 45 10.03 -19.12 31.48
CA LEU D 45 9.44 -19.84 32.59
C LEU D 45 10.47 -20.57 33.44
N GLU D 46 10.11 -20.82 34.69
CA GLU D 46 10.97 -21.53 35.61
C GLU D 46 10.07 -22.33 36.56
N TRP D 47 10.45 -23.58 36.83
CA TRP D 47 9.68 -24.48 37.70
C TRP D 47 10.01 -24.36 39.19
N ILE D 48 8.98 -24.17 40.02
CA ILE D 48 9.17 -24.05 41.45
C ILE D 48 9.07 -25.42 42.12
N GLY D 49 7.97 -26.13 41.89
CA GLY D 49 7.79 -27.43 42.48
C GLY D 49 6.38 -27.93 42.27
N TRP D 50 6.10 -29.16 42.71
CA TRP D 50 4.75 -29.72 42.60
C TRP D 50 4.30 -30.29 43.93
N ILE D 51 3.02 -30.66 43.99
CA ILE D 51 2.44 -31.23 45.20
C ILE D 51 1.28 -32.18 44.87
N ASP D 52 1.24 -33.31 45.54
CA ASP D 52 0.19 -34.27 45.31
C ASP D 52 -1.00 -33.94 46.19
N PRO D 53 -2.07 -33.37 45.63
CA PRO D 53 -3.27 -33.02 46.39
C PRO D 53 -3.81 -34.18 47.21
N GLY D 54 -3.71 -35.38 46.68
CA GLY D 54 -4.20 -36.55 47.39
C GLY D 54 -3.38 -37.03 48.57
N SER D 55 -2.36 -36.29 48.97
CA SER D 55 -1.50 -36.71 50.08
C SER D 55 -0.74 -35.55 50.72
N GLY D 56 -0.47 -34.52 49.93
CA GLY D 56 0.28 -33.38 50.42
C GLY D 56 1.76 -33.58 50.19
N ASN D 57 2.11 -34.63 49.44
CA ASN D 57 3.50 -34.93 49.15
C ASN D 57 4.00 -33.86 48.17
N THR D 58 5.20 -33.35 48.43
CA THR D 58 5.78 -32.31 47.59
C THR D 58 7.16 -32.62 47.01
N LYS D 59 7.58 -31.79 46.06
CA LYS D 59 8.89 -31.88 45.42
C LYS D 59 9.27 -30.44 45.06
N TYR D 60 10.46 -30.00 45.50
CA TYR D 60 10.92 -28.64 45.25
C TYR D 60 12.15 -28.57 44.42
N ASN D 61 12.36 -27.39 43.86
CA ASN D 61 13.52 -27.08 43.06
C ASN D 61 14.55 -26.62 44.12
N GLU D 62 15.80 -27.02 43.97
CA GLU D 62 16.83 -26.65 44.94
C GLU D 62 16.91 -25.17 45.25
N LYS D 63 16.74 -24.34 44.23
CA LYS D 63 16.79 -22.88 44.39
C LYS D 63 15.64 -22.31 45.20
N PHE D 64 14.57 -23.09 45.38
CA PHE D 64 13.39 -22.65 46.12
C PHE D 64 13.16 -23.42 47.41
N LYS D 65 14.02 -24.37 47.72
CA LYS D 65 13.86 -25.15 48.95
C LYS D 65 14.05 -24.23 50.14
N GLY D 66 13.16 -24.35 51.12
CA GLY D 66 13.25 -23.50 52.29
C GLY D 66 12.46 -22.23 52.08
N ARG D 67 12.68 -21.58 50.95
CA ARG D 67 11.98 -20.34 50.59
C ARG D 67 10.51 -20.59 50.23
N ALA D 68 10.31 -21.45 49.24
CA ALA D 68 8.98 -21.79 48.76
C ALA D 68 8.40 -22.95 49.56
N THR D 69 7.10 -22.85 49.82
CA THR D 69 6.37 -23.87 50.56
C THR D 69 5.01 -24.09 49.89
N LEU D 70 4.77 -25.30 49.41
CA LEU D 70 3.52 -25.65 48.74
C LEU D 70 2.62 -26.45 49.65
N THR D 71 1.35 -26.10 49.66
CA THR D 71 0.35 -26.80 50.47
C THR D 71 -0.95 -26.89 49.70
N VAL D 72 -1.89 -27.67 50.21
CA VAL D 72 -3.21 -27.84 49.58
C VAL D 72 -4.27 -27.93 50.66
N ASP D 73 -5.53 -27.72 50.26
CA ASP D 73 -6.65 -27.79 51.18
C ASP D 73 -7.73 -28.50 50.40
N THR D 74 -7.76 -29.83 50.53
CA THR D 74 -8.72 -30.65 49.81
C THR D 74 -10.19 -30.38 50.10
N SER D 75 -10.48 -29.77 51.24
CA SER D 75 -11.86 -29.44 51.60
C SER D 75 -12.38 -28.24 50.80
N THR D 76 -11.46 -27.49 50.20
CA THR D 76 -11.81 -26.32 49.40
C THR D 76 -11.23 -26.44 47.98
N ASN D 77 -10.53 -27.54 47.72
CA ASN D 77 -9.89 -27.77 46.42
C ASN D 77 -8.95 -26.62 46.06
N THR D 78 -8.18 -26.17 47.04
CA THR D 78 -7.28 -25.04 46.84
C THR D 78 -5.82 -25.39 47.09
N ALA D 79 -4.96 -25.01 46.15
CA ALA D 79 -3.53 -25.21 46.25
C ALA D 79 -2.90 -23.87 46.61
N TYR D 80 -1.89 -23.90 47.48
CA TYR D 80 -1.22 -22.68 47.91
C TYR D 80 0.27 -22.72 47.62
N MET D 81 0.86 -21.55 47.50
CA MET D 81 2.29 -21.41 47.24
C MET D 81 2.73 -20.20 48.05
N GLU D 82 3.58 -20.44 49.06
CA GLU D 82 4.08 -19.38 49.94
C GLU D 82 5.58 -19.19 49.82
N LEU D 83 5.98 -17.97 49.43
CA LEU D 83 7.39 -17.65 49.27
C LEU D 83 7.77 -16.69 50.38
N SER D 84 8.82 -17.05 51.09
CA SER D 84 9.29 -16.24 52.21
C SER D 84 10.51 -15.38 51.88
N SER D 85 10.81 -14.44 52.77
CA SER D 85 11.94 -13.53 52.61
C SER D 85 12.09 -13.11 51.17
N LEU D 86 11.08 -12.38 50.70
CA LEU D 86 11.02 -11.89 49.34
C LEU D 86 12.04 -10.82 49.05
N ARG D 87 12.63 -10.89 47.87
CA ARG D 87 13.61 -9.92 47.39
C ARG D 87 13.06 -9.35 46.09
N SER D 88 13.73 -8.34 45.53
CA SER D 88 13.27 -7.73 44.29
C SER D 88 13.30 -8.74 43.14
N GLU D 89 14.25 -9.67 43.20
CA GLU D 89 14.40 -10.70 42.18
C GLU D 89 13.19 -11.66 42.13
N ASP D 90 12.43 -11.70 43.21
CA ASP D 90 11.27 -12.59 43.27
C ASP D 90 10.09 -12.00 42.50
N THR D 91 10.23 -10.75 42.08
CA THR D 91 9.20 -10.05 41.32
C THR D 91 8.97 -10.81 40.01
N ALA D 92 7.77 -11.37 39.88
CA ALA D 92 7.39 -12.12 38.69
C ALA D 92 5.95 -12.60 38.74
N PHE D 93 5.53 -13.27 37.67
CA PHE D 93 4.19 -13.85 37.59
C PHE D 93 4.26 -15.27 38.12
N TYR D 94 3.28 -15.68 38.91
CA TYR D 94 3.31 -17.04 39.45
C TYR D 94 2.16 -17.88 38.94
N PHE D 95 2.50 -19.00 38.31
CA PHE D 95 1.49 -19.88 37.74
C PHE D 95 1.42 -21.20 38.47
N CYS D 96 0.24 -21.79 38.43
CA CYS D 96 -0.03 -23.09 39.01
C CYS D 96 -0.68 -23.83 37.87
N ALA D 97 -0.31 -25.09 37.68
CA ALA D 97 -0.90 -25.87 36.61
C ALA D 97 -1.14 -27.28 37.09
N ARG D 98 -2.17 -27.92 36.54
CA ARG D 98 -2.45 -29.29 36.92
C ARG D 98 -1.65 -30.19 35.99
N GLU D 99 -1.12 -31.28 36.56
CA GLU D 99 -0.30 -32.22 35.81
C GLU D 99 -0.86 -33.62 35.86
N LYS D 100 -0.85 -34.30 34.71
CA LYS D 100 -1.29 -35.69 34.62
C LYS D 100 -0.02 -36.57 34.65
N THR D 101 -0.07 -37.59 35.49
CA THR D 101 1.06 -38.48 35.66
C THR D 101 0.73 -39.92 35.28
N THR D 102 -0.55 -40.26 35.31
CA THR D 102 -1.03 -41.59 34.96
C THR D 102 -1.05 -41.83 33.45
N TYR D 103 -0.27 -42.84 33.03
CA TYR D 103 -0.12 -43.24 31.62
C TYR D 103 0.86 -42.37 30.81
N TYR D 104 0.81 -41.06 31.01
CA TYR D 104 1.69 -40.11 30.31
C TYR D 104 1.67 -38.81 31.08
N TYR D 105 2.69 -37.98 30.91
CA TYR D 105 2.74 -36.70 31.60
C TYR D 105 2.23 -35.57 30.72
N ALA D 106 1.32 -34.77 31.26
CA ALA D 106 0.73 -33.66 30.53
C ALA D 106 0.27 -32.60 31.52
N MET D 107 0.79 -31.41 31.34
CA MET D 107 0.46 -30.26 32.17
C MET D 107 -0.47 -29.38 31.35
N ASP D 108 -1.70 -29.86 31.17
CA ASP D 108 -2.71 -29.22 30.34
C ASP D 108 -3.36 -27.89 30.76
N TYR D 109 -3.89 -27.82 31.97
CA TYR D 109 -4.53 -26.59 32.44
C TYR D 109 -3.68 -25.72 33.35
N TRP D 110 -3.56 -24.45 32.99
CA TRP D 110 -2.82 -23.48 33.78
C TRP D 110 -3.72 -22.40 34.37
N GLY D 111 -3.30 -21.86 35.50
CA GLY D 111 -4.03 -20.78 36.15
C GLY D 111 -3.65 -19.49 35.41
N GLN D 112 -4.47 -18.47 35.56
CA GLN D 112 -4.22 -17.18 34.88
C GLN D 112 -2.95 -16.43 35.24
N GLY D 113 -2.36 -16.74 36.38
CA GLY D 113 -1.14 -16.06 36.79
C GLY D 113 -1.38 -15.04 37.88
N THR D 114 -0.36 -14.81 38.70
CA THR D 114 -0.47 -13.85 39.80
C THR D 114 0.81 -13.06 39.87
N LEU D 115 0.72 -11.76 39.56
CA LEU D 115 1.87 -10.89 39.59
C LEU D 115 2.21 -10.54 41.03
N VAL D 116 3.49 -10.67 41.36
CA VAL D 116 3.97 -10.33 42.68
C VAL D 116 5.11 -9.34 42.46
N THR D 117 4.81 -8.08 42.74
CA THR D 117 5.78 -7.02 42.58
C THR D 117 6.40 -6.78 43.95
N VAL D 118 7.70 -7.07 44.07
CA VAL D 118 8.40 -6.87 45.34
C VAL D 118 9.22 -5.58 45.24
N SER D 119 8.84 -4.55 45.99
CA SER D 119 9.59 -3.30 45.94
C SER D 119 9.57 -2.53 47.24
N SER D 120 10.67 -1.79 47.45
CA SER D 120 10.88 -0.95 48.62
C SER D 120 10.11 0.36 48.49
N ALA D 121 9.82 0.74 47.25
CA ALA D 121 9.12 1.97 46.90
C ALA D 121 7.70 2.08 47.45
N SER D 122 7.27 3.32 47.64
CA SER D 122 5.92 3.61 48.12
C SER D 122 5.14 4.26 46.98
N THR D 123 3.82 4.23 47.09
CA THR D 123 2.94 4.83 46.09
C THR D 123 3.28 6.32 45.87
N LYS D 124 3.57 6.66 44.62
CA LYS D 124 3.90 8.04 44.25
C LYS D 124 3.27 8.40 42.89
N GLY D 125 2.56 9.52 42.86
CA GLY D 125 1.94 9.96 41.61
C GLY D 125 3.04 10.45 40.68
N PRO D 126 2.82 10.41 39.37
CA PRO D 126 3.84 10.86 38.44
C PRO D 126 3.85 12.36 38.18
N SER D 127 4.90 12.78 37.47
CA SER D 127 5.04 14.16 37.06
C SER D 127 4.92 14.06 35.55
N VAL D 128 3.92 14.73 34.96
CA VAL D 128 3.72 14.70 33.51
C VAL D 128 4.43 15.88 32.84
N PHE D 129 5.29 15.55 31.88
CA PHE D 129 6.07 16.55 31.14
C PHE D 129 5.75 16.52 29.65
N PRO D 130 5.71 17.69 29.01
CA PRO D 130 5.40 17.78 27.58
C PRO D 130 6.56 17.41 26.69
N LEU D 131 6.26 16.61 25.66
CA LEU D 131 7.24 16.20 24.69
C LEU D 131 6.91 16.91 23.38
N ALA D 132 7.74 17.89 23.02
CA ALA D 132 7.57 18.68 21.79
C ALA D 132 8.92 19.10 21.24
N PRO D 133 9.02 19.26 19.91
CA PRO D 133 10.26 19.65 19.21
C PRO D 133 10.82 20.99 19.66
N CYS D 134 12.13 21.18 19.51
CA CYS D 134 12.75 22.45 19.90
C CYS D 134 12.03 23.61 19.21
N SER D 135 11.84 23.47 17.89
CA SER D 135 11.16 24.49 17.10
C SER D 135 10.26 23.86 16.04
N ARG D 136 9.02 24.33 15.98
CA ARG D 136 8.02 23.86 15.02
C ARG D 136 8.51 24.03 13.58
N SER D 137 8.53 22.93 12.82
CA SER D 137 8.99 22.95 11.42
C SER D 137 7.86 22.61 10.44
N THR D 138 7.76 23.40 9.37
CA THR D 138 6.72 23.19 8.36
C THR D 138 7.29 22.29 7.23
N SER D 139 8.58 21.99 7.33
CA SER D 139 9.29 21.17 6.34
C SER D 139 8.70 19.76 6.20
N GLU D 140 8.35 19.14 7.34
CA GLU D 140 7.78 17.80 7.35
C GLU D 140 6.27 17.84 7.27
N SER D 141 5.67 16.75 6.80
CA SER D 141 4.22 16.65 6.65
C SER D 141 3.54 16.37 8.00
N THR D 142 4.09 15.41 8.74
CA THR D 142 3.54 15.06 10.05
C THR D 142 4.54 15.43 11.15
N ALA D 143 4.00 15.92 12.27
CA ALA D 143 4.81 16.29 13.42
C ALA D 143 4.46 15.36 14.57
N ALA D 144 5.41 15.14 15.46
CA ALA D 144 5.15 14.28 16.60
C ALA D 144 5.31 15.05 17.90
N LEU D 145 4.47 14.71 18.87
CA LEU D 145 4.53 15.32 20.19
C LEU D 145 3.96 14.35 21.21
N GLY D 146 4.29 14.52 22.48
CA GLY D 146 3.78 13.60 23.48
C GLY D 146 3.91 14.08 24.90
N CYS D 147 3.86 13.13 25.84
CA CYS D 147 3.96 13.39 27.28
C CYS D 147 4.81 12.35 27.97
N LEU D 148 5.75 12.83 28.78
CA LEU D 148 6.62 11.95 29.53
C LEU D 148 6.07 11.83 30.94
N VAL D 149 5.60 10.64 31.29
CA VAL D 149 5.04 10.37 32.61
C VAL D 149 6.15 9.74 33.47
N LYS D 150 6.86 10.60 34.21
CA LYS D 150 8.00 10.19 35.01
C LYS D 150 7.73 9.96 36.48
N ASP D 151 8.63 9.19 37.10
CA ASP D 151 8.62 8.85 38.51
C ASP D 151 7.27 8.55 39.16
N TYR D 152 6.83 7.30 39.06
CA TYR D 152 5.58 6.90 39.68
C TYR D 152 5.64 5.46 40.16
N PHE D 153 4.71 5.11 41.05
CA PHE D 153 4.64 3.77 41.59
C PHE D 153 3.27 3.56 42.26
N PRO D 154 2.63 2.39 42.05
CA PRO D 154 3.12 1.29 41.22
C PRO D 154 2.54 1.44 39.83
N GLU D 155 2.28 0.34 39.16
CA GLU D 155 1.67 0.39 37.84
C GLU D 155 0.16 0.25 38.04
N PRO D 156 -0.64 0.79 37.10
CA PRO D 156 -0.17 1.50 35.89
C PRO D 156 -0.73 2.91 35.83
N VAL D 157 -0.53 3.56 34.68
CA VAL D 157 -1.06 4.89 34.40
C VAL D 157 -1.76 4.76 33.05
N THR D 158 -2.88 5.46 32.87
CA THR D 158 -3.61 5.41 31.60
C THR D 158 -3.57 6.77 30.92
N VAL D 159 -2.85 6.84 29.82
CA VAL D 159 -2.72 8.07 29.05
C VAL D 159 -3.69 8.09 27.90
N SER D 160 -4.29 9.24 27.66
CA SER D 160 -5.22 9.41 26.56
C SER D 160 -4.94 10.77 25.97
N TRP D 161 -5.60 11.09 24.86
CA TRP D 161 -5.39 12.38 24.23
C TRP D 161 -6.72 13.02 23.89
N ASN D 162 -6.86 14.30 24.23
CA ASN D 162 -8.07 15.09 23.99
C ASN D 162 -9.31 14.37 24.52
N SER D 163 -9.15 13.75 25.68
CA SER D 163 -10.22 13.02 26.34
C SER D 163 -10.84 11.93 25.43
N GLY D 164 -10.01 11.30 24.63
CA GLY D 164 -10.48 10.24 23.75
C GLY D 164 -10.82 10.67 22.34
N ALA D 165 -10.78 11.98 22.07
CA ALA D 165 -11.08 12.53 20.75
C ALA D 165 -9.97 12.21 19.73
N LEU D 166 -8.74 12.06 20.23
CA LEU D 166 -7.58 11.72 19.40
C LEU D 166 -7.09 10.34 19.82
N THR D 167 -7.29 9.36 18.95
CA THR D 167 -6.90 7.99 19.22
C THR D 167 -5.95 7.42 18.18
N SER D 168 -6.18 7.78 16.92
CA SER D 168 -5.37 7.31 15.82
C SER D 168 -3.96 7.90 15.81
N GLY D 169 -2.96 7.02 15.69
CA GLY D 169 -1.58 7.47 15.67
C GLY D 169 -0.93 7.55 17.04
N VAL D 170 -1.72 7.29 18.08
CA VAL D 170 -1.24 7.35 19.45
C VAL D 170 -0.41 6.12 19.80
N HIS D 171 0.68 6.32 20.52
CA HIS D 171 1.56 5.23 20.92
C HIS D 171 2.01 5.37 22.37
N THR D 172 1.39 4.60 23.26
CA THR D 172 1.77 4.65 24.67
C THR D 172 2.70 3.48 24.95
N PHE D 173 3.97 3.80 25.19
CA PHE D 173 4.98 2.78 25.43
C PHE D 173 4.86 2.13 26.80
N PRO D 174 5.35 0.90 26.94
CA PRO D 174 5.28 0.20 28.22
C PRO D 174 6.26 0.84 29.20
N ALA D 175 5.84 0.92 30.46
CA ALA D 175 6.67 1.53 31.51
C ALA D 175 8.02 0.84 31.64
N VAL D 176 9.00 1.63 32.07
CA VAL D 176 10.35 1.13 32.30
C VAL D 176 10.70 1.39 33.76
N LEU D 177 11.31 0.42 34.42
CA LEU D 177 11.66 0.58 35.82
C LEU D 177 13.00 1.28 35.94
N GLN D 178 13.00 2.44 36.59
CA GLN D 178 14.24 3.19 36.76
C GLN D 178 15.00 2.67 37.97
N SER D 179 16.29 2.97 38.05
CA SER D 179 17.12 2.53 39.18
C SER D 179 16.57 3.06 40.52
N SER D 180 15.76 4.10 40.45
CA SER D 180 15.16 4.68 41.65
C SER D 180 14.04 3.79 42.20
N GLY D 181 13.62 2.81 41.41
CA GLY D 181 12.54 1.94 41.84
C GLY D 181 11.19 2.50 41.45
N LEU D 182 11.22 3.55 40.63
CA LEU D 182 10.01 4.22 40.14
C LEU D 182 9.88 4.04 38.65
N TYR D 183 8.64 3.94 38.19
CA TYR D 183 8.35 3.76 36.78
C TYR D 183 8.37 5.05 35.98
N SER D 184 8.49 4.91 34.66
CA SER D 184 8.50 6.04 33.74
C SER D 184 8.21 5.59 32.30
N LEU D 185 7.17 6.16 31.70
CA LEU D 185 6.82 5.84 30.33
C LEU D 185 6.47 7.11 29.59
N SER D 186 6.40 7.01 28.27
CA SER D 186 6.06 8.16 27.46
C SER D 186 4.97 7.79 26.48
N SER D 187 4.09 8.74 26.19
CA SER D 187 3.01 8.55 25.24
C SER D 187 3.24 9.60 24.15
N VAL D 188 3.13 9.19 22.90
CA VAL D 188 3.35 10.11 21.80
C VAL D 188 2.25 10.00 20.75
N VAL D 189 2.14 11.03 19.92
CA VAL D 189 1.13 11.07 18.86
C VAL D 189 1.64 11.88 17.67
N THR D 190 1.44 11.35 16.48
CA THR D 190 1.83 12.04 15.27
C THR D 190 0.60 12.72 14.68
N VAL D 191 0.74 13.98 14.34
CA VAL D 191 -0.35 14.76 13.78
C VAL D 191 0.08 15.59 12.58
N PRO D 192 -0.89 16.09 11.79
CA PRO D 192 -0.58 16.91 10.61
C PRO D 192 0.05 18.21 11.08
N SER D 193 1.29 18.47 10.69
CA SER D 193 1.98 19.69 11.08
C SER D 193 1.21 20.91 10.57
N SER D 194 0.44 20.71 9.50
CA SER D 194 -0.38 21.76 8.90
C SER D 194 -1.67 21.99 9.71
N SER D 195 -1.52 22.09 11.02
CA SER D 195 -2.63 22.31 11.98
C SER D 195 -2.06 22.42 13.39
N LEU D 196 -0.73 22.54 13.45
CA LEU D 196 0.00 22.64 14.70
C LEU D 196 0.04 24.10 15.16
N GLY D 197 -1.04 24.52 15.80
CA GLY D 197 -1.13 25.89 16.29
C GLY D 197 -2.57 26.25 16.57
N THR D 198 -3.43 26.07 15.57
CA THR D 198 -4.86 26.34 15.71
C THR D 198 -5.57 25.18 16.42
N LYS D 199 -4.89 24.03 16.46
CA LYS D 199 -5.42 22.84 17.12
C LYS D 199 -4.62 22.56 18.38
N THR D 200 -5.34 22.37 19.49
CA THR D 200 -4.74 22.08 20.79
C THR D 200 -4.64 20.57 21.03
N TYR D 201 -3.48 20.16 21.54
CA TYR D 201 -3.24 18.75 21.85
C TYR D 201 -2.91 18.60 23.33
N THR D 202 -3.72 17.82 24.03
CA THR D 202 -3.53 17.60 25.45
C THR D 202 -3.64 16.13 25.91
N CYS D 203 -2.67 15.67 26.70
CA CYS D 203 -2.66 14.30 27.19
C CYS D 203 -3.26 14.21 28.59
N ASN D 204 -4.14 13.23 28.81
CA ASN D 204 -4.79 13.06 30.10
C ASN D 204 -4.25 11.82 30.82
N VAL D 205 -3.27 12.03 31.71
CA VAL D 205 -2.68 10.94 32.46
C VAL D 205 -3.46 10.67 33.73
N ASP D 206 -3.65 9.39 34.04
CA ASP D 206 -4.39 8.98 35.22
C ASP D 206 -3.68 7.86 35.98
N HIS D 207 -3.38 8.11 37.25
CA HIS D 207 -2.72 7.13 38.12
C HIS D 207 -3.59 6.88 39.33
N LYS D 208 -4.48 5.91 39.22
CA LYS D 208 -5.41 5.60 40.29
C LYS D 208 -4.84 5.32 41.69
N PRO D 209 -3.70 4.62 41.77
CA PRO D 209 -3.12 4.35 43.10
C PRO D 209 -2.86 5.59 43.94
N SER D 210 -2.53 6.69 43.28
CA SER D 210 -2.25 7.95 43.98
C SER D 210 -3.35 8.97 43.73
N ASN D 211 -4.42 8.53 43.11
CA ASN D 211 -5.55 9.40 42.81
C ASN D 211 -5.15 10.67 42.07
N THR D 212 -4.12 10.55 41.24
CA THR D 212 -3.61 11.67 40.45
C THR D 212 -4.23 11.69 39.05
N LYS D 213 -4.71 12.85 38.63
CA LYS D 213 -5.30 13.02 37.30
C LYS D 213 -4.70 14.30 36.74
N VAL D 214 -3.88 14.16 35.70
CA VAL D 214 -3.22 15.31 35.08
C VAL D 214 -3.49 15.47 33.58
N ASP D 215 -3.72 16.71 33.17
CA ASP D 215 -3.94 17.07 31.77
C ASP D 215 -2.82 18.05 31.44
N LYS D 216 -2.02 17.75 30.41
CA LYS D 216 -0.93 18.63 30.04
C LYS D 216 -1.03 19.07 28.58
N ARG D 217 -1.33 20.35 28.37
CA ARG D 217 -1.42 20.89 27.02
C ARG D 217 -0.01 20.94 26.45
N VAL D 218 0.19 20.26 25.33
CA VAL D 218 1.50 20.27 24.69
C VAL D 218 1.37 21.24 23.53
N GLU D 219 2.44 22.00 23.27
CA GLU D 219 2.46 22.99 22.17
C GLU D 219 1.64 22.59 20.93
S SO4 E . -12.33 -33.72 44.13
O1 SO4 E . -12.73 -32.84 45.23
O2 SO4 E . -13.30 -34.89 44.03
O3 SO4 E . -10.91 -34.32 44.29
O4 SO4 E . -12.32 -32.90 42.84
#